data_9UHB
#
_entry.id   9UHB
#
_cell.length_a   1.00
_cell.length_b   1.00
_cell.length_c   1.00
_cell.angle_alpha   90.00
_cell.angle_beta   90.00
_cell.angle_gamma   90.00
#
_symmetry.space_group_name_H-M   'P 1'
#
loop_
_entity.id
_entity.type
_entity.pdbx_description
1 polymer 'Propionyl-CoA carboxylase alpha chain, mitochondrial'
2 polymer 'Propionyl-CoA carboxylase beta chain, mitochondrial'
3 polymer 'Propionyl-CoA carboxylase beta chain, mitochondrial'
4 non-polymer BIOTIN
5 non-polymer 'PHOSPHOAMINOPHOSPHONIC ACID-ADENYLATE ESTER'
6 non-polymer 'MAGNESIUM ION'
7 non-polymer 'propionyl Coenzyme A'
#
loop_
_entity_poly.entity_id
_entity_poly.type
_entity_poly.pdbx_seq_one_letter_code
_entity_poly.pdbx_strand_id
1 'polypeptide(L)'
;MAGFWVGTAPLVAAGRRGRWPPQQLMLSAALRTLKHVLYYSRQCLMVSRNLGSVGYDPNEKTFDKILVANRGEIACRVIR
TCKKMGIKTVAIHSDVDASSVHVKMADEAVCVGPAPTSKSYLNMDAIMEAIKKTRAQAVHPGYGFLSENKEFARCLAAED
VVFIGPDTHAIQAMGDKIESKLLAKKAEVNTIPGFDGVVKDAEEAVRIAREIGYPVMIKASAGGGGKGMRIAWDDEETRD
GFRLSSQEAASSFGDDRLLIEKFIDNPRHIEIQVLGDKHGNALWLNERECSIQRRNQKVVEEAPSIFLDAETRRAMGEQA
VALARAVKYSSAGTVEFLVDSKKNFYFLEMNTRLQVEHPVTECITGLDLVQEMIRVAKGYPLRHKQADIRINGWAVECRV
YAEDPYKSFGLPSIGRLSQYQEPLHLPGVRVDSGIQPGSDISIYYDPMISKLITYGSDRTEALKRMADALDNYVIRGVTH
NIALLREVIINSRFVKGDISTKFLSDVYPDGFKGHMLTKSEKNQLLAIASSLFVAFQLRAQHFQENSRMPVIKPDIANWE
LSVKLHDKVHTVVASNNGSVFSVEVDGSKLNVTSTWNLASPLLSVSVDGTQRTVQCLSREAGGNMSIQFLGTVYKVNILT
RLAAELNKFMLEKVTEDTSSVLRSPMPGVVVAVSVKPGDAVAEGQEICVIEAMKMQNSMTAGKTGTVKSVHCQAGDTVGE
GDLLVELE
;
A
2 'polypeptide(L)'
;DPSDRLVPELDTIVPLESTKAYNMVDIIHSVVDEREFFEIMPNYAKNIIVGFARMNGRTVGIVGNQPKVASGCLDINSSV
KGARFVRFCDAFNIPLITFVDVPGFLPGTAQEYGGIIRHGAKLLYAFAEATVPKVTVITRKAYGGAYDVMSSKHLCGDTN
YAWPTAEIAVMGAKGAVEIIFKGHENVEAAQAEYIEKFANPFPAAVRGFVDDIIQPSSTRARICCDLDVLASKKVQRPWR
KHANIPL
;
B
3 'polypeptide(L)'
;MAAALRVAAVGARLSVLASGLRAAVRSLCSQATSVNERIENKRRTALLGGGQRRIDAQHKRGKLTARERISLLLDPGSFV
ESDMFVEHRCADFGMAADKNKFPGDSVVTGRGRINGRLVYVFSQDFTVFGGSLSGAHAQKICKIMDQAITVGAPVIGLND
SGGARIQEGVESLAGYADIFLRNVTASGVIPQISLIMGPCAGGAVYSPALTDFTFMVKDTSYLFITGPDVVKSVTNEDVT
QEELGGAKTHTTMSGVAHRAFENDVDALCNLRDFFNYLPLSSQDPAPVRECH
;
F
#
# COMPACT_ATOMS: atom_id res chain seq x y z
N TYR A 56 -38.65 -8.71 -10.40
CA TYR A 56 -38.13 -8.49 -9.06
C TYR A 56 -39.26 -8.28 -8.07
N ASP A 57 -40.22 -9.20 -8.07
CA ASP A 57 -41.39 -9.07 -7.20
C ASP A 57 -41.01 -9.43 -5.77
N PRO A 58 -41.17 -8.52 -4.80
CA PRO A 58 -40.88 -8.84 -3.41
C PRO A 58 -42.07 -9.30 -2.59
N ASN A 59 -43.26 -9.38 -3.19
CA ASN A 59 -44.45 -9.78 -2.45
C ASN A 59 -44.33 -11.21 -1.92
N GLU A 60 -43.81 -12.11 -2.75
CA GLU A 60 -43.64 -13.50 -2.32
C GLU A 60 -42.62 -13.59 -1.20
N LYS A 61 -42.95 -14.37 -0.18
CA LYS A 61 -42.08 -14.50 0.99
C LYS A 61 -40.95 -15.47 0.69
N THR A 62 -39.73 -15.08 1.04
CA THR A 62 -38.54 -15.90 0.81
C THR A 62 -37.67 -15.92 2.05
N PHE A 63 -36.44 -16.42 1.92
CA PHE A 63 -35.52 -16.48 3.04
C PHE A 63 -35.18 -15.07 3.53
N ASP A 64 -34.83 -14.97 4.80
CA ASP A 64 -34.53 -13.68 5.41
C ASP A 64 -33.05 -13.38 5.54
N LYS A 65 -32.21 -14.41 5.63
CA LYS A 65 -30.76 -14.21 5.75
C LYS A 65 -30.04 -15.28 4.96
N ILE A 66 -29.04 -14.87 4.18
CA ILE A 66 -28.28 -15.77 3.32
C ILE A 66 -26.81 -15.62 3.63
N LEU A 67 -26.08 -16.73 3.59
CA LEU A 67 -24.65 -16.76 3.82
C LEU A 67 -23.94 -17.06 2.50
N VAL A 68 -22.91 -16.28 2.20
CA VAL A 68 -22.12 -16.43 0.99
C VAL A 68 -20.74 -16.92 1.39
N ALA A 69 -20.49 -18.21 1.20
CA ALA A 69 -19.23 -18.83 1.59
C ALA A 69 -18.27 -18.91 0.41
N ASN A 70 -17.91 -17.74 -0.12
CA ASN A 70 -17.00 -17.65 -1.25
C ASN A 70 -16.31 -16.29 -1.21
N ARG A 71 -15.61 -15.96 -2.30
CA ARG A 71 -14.89 -14.70 -2.40
C ARG A 71 -14.83 -14.28 -3.85
N GLY A 72 -14.60 -12.98 -4.06
CA GLY A 72 -14.42 -12.45 -5.40
C GLY A 72 -15.67 -11.88 -6.03
N GLU A 73 -15.76 -11.96 -7.36
CA GLU A 73 -16.89 -11.37 -8.07
C GLU A 73 -18.18 -12.14 -7.85
N ILE A 74 -18.08 -13.45 -7.60
CA ILE A 74 -19.29 -14.25 -7.42
C ILE A 74 -20.02 -13.87 -6.15
N ALA A 75 -19.26 -13.58 -5.08
CA ALA A 75 -19.88 -13.12 -3.84
C ALA A 75 -20.60 -11.79 -4.06
N CYS A 76 -19.97 -10.88 -4.81
CA CYS A 76 -20.61 -9.60 -5.10
C CYS A 76 -21.89 -9.78 -5.91
N ARG A 77 -21.86 -10.67 -6.90
CA ARG A 77 -23.06 -10.91 -7.69
C ARG A 77 -24.17 -11.50 -6.84
N VAL A 78 -23.83 -12.45 -5.95
CA VAL A 78 -24.83 -13.03 -5.07
C VAL A 78 -25.41 -11.97 -4.14
N ILE A 79 -24.55 -11.10 -3.60
CA ILE A 79 -25.03 -10.04 -2.71
C ILE A 79 -25.96 -9.10 -3.47
N ARG A 80 -25.61 -8.76 -4.71
CA ARG A 80 -26.50 -7.95 -5.55
C ARG A 80 -27.85 -8.63 -5.70
N THR A 81 -27.84 -9.93 -6.02
CA THR A 81 -29.09 -10.64 -6.25
C THR A 81 -29.96 -10.70 -5.00
N CYS A 82 -29.36 -10.92 -3.84
CA CYS A 82 -30.15 -10.96 -2.61
C CYS A 82 -30.63 -9.56 -2.20
N LYS A 83 -29.81 -8.53 -2.43
CA LYS A 83 -30.23 -7.17 -2.11
C LYS A 83 -31.41 -6.74 -2.98
N LYS A 84 -31.39 -7.10 -4.27
CA LYS A 84 -32.51 -6.78 -5.14
C LYS A 84 -33.78 -7.52 -4.72
N MET A 85 -33.65 -8.64 -4.01
CA MET A 85 -34.79 -9.38 -3.50
C MET A 85 -35.17 -8.99 -2.07
N GLY A 86 -34.52 -7.98 -1.50
CA GLY A 86 -34.82 -7.56 -0.15
C GLY A 86 -34.52 -8.59 0.92
N ILE A 87 -33.36 -9.24 0.83
CA ILE A 87 -32.96 -10.27 1.78
C ILE A 87 -31.67 -9.83 2.44
N LYS A 88 -31.62 -9.95 3.77
CA LYS A 88 -30.39 -9.66 4.49
C LYS A 88 -29.30 -10.65 4.09
N THR A 89 -28.07 -10.17 4.01
CA THR A 89 -26.95 -10.96 3.52
C THR A 89 -25.89 -11.10 4.60
N VAL A 90 -25.22 -12.26 4.60
CA VAL A 90 -24.15 -12.56 5.54
C VAL A 90 -22.93 -12.97 4.74
N ALA A 91 -21.78 -12.39 5.07
CA ALA A 91 -20.55 -12.64 4.33
C ALA A 91 -19.45 -13.13 5.28
N ILE A 92 -18.50 -13.86 4.70
CA ILE A 92 -17.32 -14.32 5.43
C ILE A 92 -16.09 -13.82 4.69
N HIS A 93 -14.96 -13.81 5.39
CA HIS A 93 -13.73 -13.31 4.83
C HIS A 93 -12.55 -13.82 5.65
N SER A 94 -11.40 -13.93 4.99
CA SER A 94 -10.17 -14.27 5.68
C SER A 94 -9.56 -13.01 6.29
N ASP A 95 -8.41 -13.16 6.95
CA ASP A 95 -7.74 -12.02 7.54
C ASP A 95 -7.26 -11.04 6.48
N VAL A 96 -6.72 -11.55 5.37
CA VAL A 96 -6.22 -10.68 4.31
C VAL A 96 -7.37 -9.92 3.66
N ASP A 97 -8.46 -10.62 3.34
CA ASP A 97 -9.58 -9.98 2.65
C ASP A 97 -10.50 -9.28 3.63
N ALA A 98 -9.94 -8.43 4.49
CA ALA A 98 -10.74 -7.62 5.40
C ALA A 98 -11.17 -6.30 4.78
N SER A 99 -10.62 -5.93 3.62
CA SER A 99 -10.95 -4.68 2.95
C SER A 99 -11.46 -4.92 1.53
N SER A 100 -11.97 -6.11 1.25
CA SER A 100 -12.49 -6.40 -0.08
C SER A 100 -13.84 -5.70 -0.28
N VAL A 101 -14.27 -5.65 -1.55
CA VAL A 101 -15.55 -5.03 -1.86
C VAL A 101 -16.71 -5.86 -1.31
N HIS A 102 -16.60 -7.18 -1.33
CA HIS A 102 -17.72 -8.02 -0.91
C HIS A 102 -17.92 -8.04 0.59
N VAL A 103 -16.86 -7.77 1.38
CA VAL A 103 -17.03 -7.77 2.83
C VAL A 103 -17.66 -6.47 3.32
N LYS A 104 -17.40 -5.36 2.64
CA LYS A 104 -18.01 -4.10 2.99
C LYS A 104 -19.37 -3.89 2.35
N MET A 105 -19.59 -4.51 1.19
CA MET A 105 -20.87 -4.37 0.48
C MET A 105 -21.96 -5.20 1.15
N ALA A 106 -21.58 -6.24 1.87
CA ALA A 106 -22.52 -7.00 2.69
C ALA A 106 -22.79 -6.22 3.98
N ASP A 107 -23.44 -6.84 4.96
CA ASP A 107 -23.82 -6.08 6.14
C ASP A 107 -23.04 -6.55 7.36
N GLU A 108 -23.11 -7.83 7.68
CA GLU A 108 -22.25 -8.38 8.72
C GLU A 108 -21.09 -9.15 8.10
N ALA A 109 -20.02 -9.32 8.89
CA ALA A 109 -18.87 -10.10 8.46
C ALA A 109 -18.39 -11.01 9.58
N VAL A 110 -17.93 -12.19 9.20
CA VAL A 110 -17.44 -13.20 10.14
C VAL A 110 -16.12 -13.78 9.63
N CYS A 111 -15.01 -13.43 10.31
CA CYS A 111 -13.71 -13.98 9.96
C CYS A 111 -13.72 -15.51 10.01
N VAL A 112 -12.85 -16.14 9.22
CA VAL A 112 -12.87 -17.60 9.10
C VAL A 112 -11.50 -18.19 9.37
N GLY A 113 -10.45 -17.38 9.36
CA GLY A 113 -9.13 -17.87 9.64
C GLY A 113 -8.02 -17.15 8.88
N PRO A 114 -6.87 -17.82 8.73
CA PRO A 114 -5.69 -17.16 8.16
C PRO A 114 -5.74 -17.02 6.65
N ALA A 115 -4.64 -16.55 6.07
CA ALA A 115 -4.59 -16.30 4.63
C ALA A 115 -4.77 -17.55 3.77
N PRO A 116 -4.07 -18.67 4.01
CA PRO A 116 -4.15 -19.80 3.08
C PRO A 116 -5.58 -20.34 2.96
N THR A 117 -5.92 -20.78 1.74
CA THR A 117 -7.25 -21.30 1.46
C THR A 117 -7.51 -22.62 2.16
N SER A 118 -6.46 -23.34 2.57
CA SER A 118 -6.66 -24.61 3.25
C SER A 118 -7.23 -24.43 4.66
N LYS A 119 -7.15 -23.23 5.22
CA LYS A 119 -7.61 -22.98 6.58
C LYS A 119 -8.67 -21.88 6.67
N SER A 120 -9.00 -21.21 5.57
CA SER A 120 -9.96 -20.10 5.61
C SER A 120 -11.28 -20.45 4.92
N TYR A 121 -11.23 -20.84 3.64
CA TYR A 121 -12.44 -21.16 2.90
C TYR A 121 -12.71 -22.66 2.81
N LEU A 122 -11.69 -23.48 3.05
CA LEU A 122 -11.86 -24.93 3.09
C LEU A 122 -12.03 -25.45 4.52
N ASN A 123 -12.04 -24.57 5.51
CA ASN A 123 -12.17 -24.98 6.90
C ASN A 123 -13.65 -25.13 7.24
N MET A 124 -14.06 -26.36 7.57
CA MET A 124 -15.48 -26.67 7.73
C MET A 124 -16.03 -26.12 9.03
N ASP A 125 -15.28 -26.30 10.13
CA ASP A 125 -15.78 -25.91 11.44
C ASP A 125 -16.00 -24.40 11.54
N ALA A 126 -15.09 -23.61 10.95
CA ALA A 126 -15.25 -22.16 11.01
C ALA A 126 -16.57 -21.74 10.39
N ILE A 127 -16.92 -22.32 9.24
CA ILE A 127 -18.21 -22.05 8.64
C ILE A 127 -19.34 -22.56 9.53
N MET A 128 -19.11 -23.68 10.23
CA MET A 128 -20.15 -24.19 11.12
C MET A 128 -20.50 -23.18 12.21
N GLU A 129 -19.50 -22.70 12.95
CA GLU A 129 -19.82 -21.67 13.94
C GLU A 129 -20.26 -20.37 13.31
N ALA A 130 -19.84 -20.07 12.08
CA ALA A 130 -20.33 -18.88 11.40
C ALA A 130 -21.85 -18.94 11.22
N ILE A 131 -22.35 -20.06 10.71
CA ILE A 131 -23.79 -20.23 10.56
C ILE A 131 -24.49 -20.24 11.91
N LYS A 132 -23.91 -20.93 12.90
CA LYS A 132 -24.55 -21.00 14.21
C LYS A 132 -24.68 -19.62 14.84
N LYS A 133 -23.63 -18.80 14.75
CA LYS A 133 -23.70 -17.45 15.31
C LYS A 133 -24.65 -16.57 14.51
N THR A 134 -24.57 -16.61 13.19
CA THR A 134 -25.41 -15.75 12.36
C THR A 134 -26.84 -16.24 12.22
N ARG A 135 -27.12 -17.49 12.62
CA ARG A 135 -28.44 -18.09 12.48
C ARG A 135 -28.93 -18.02 11.03
N ALA A 136 -28.01 -18.28 10.11
CA ALA A 136 -28.34 -18.19 8.68
C ALA A 136 -29.30 -19.30 8.28
N GLN A 137 -30.36 -18.92 7.56
CA GLN A 137 -31.33 -19.89 7.08
C GLN A 137 -30.91 -20.58 5.80
N ALA A 138 -29.88 -20.07 5.13
CA ALA A 138 -29.43 -20.64 3.86
C ALA A 138 -27.95 -20.32 3.66
N VAL A 139 -27.33 -21.07 2.76
CA VAL A 139 -25.91 -20.96 2.48
C VAL A 139 -25.70 -21.02 0.97
N HIS A 140 -24.74 -20.24 0.47
CA HIS A 140 -24.44 -20.20 -0.95
C HIS A 140 -22.96 -20.50 -1.15
N PRO A 141 -22.62 -21.56 -1.89
CA PRO A 141 -21.20 -21.89 -2.09
C PRO A 141 -20.54 -21.16 -3.25
N GLY A 142 -21.32 -20.60 -4.17
CA GLY A 142 -20.74 -20.00 -5.37
C GLY A 142 -20.32 -21.09 -6.32
N TYR A 143 -19.09 -20.98 -6.84
CA TYR A 143 -18.51 -22.03 -7.65
C TYR A 143 -17.09 -22.31 -7.16
N GLY A 144 -16.68 -23.57 -7.31
CA GLY A 144 -15.40 -23.99 -6.80
C GLY A 144 -15.41 -24.17 -5.29
N PHE A 145 -14.21 -24.36 -4.75
CA PHE A 145 -14.02 -24.52 -3.30
C PHE A 145 -14.84 -25.68 -2.76
N LEU A 146 -15.92 -25.37 -2.04
CA LEU A 146 -16.78 -26.39 -1.46
C LEU A 146 -18.09 -26.58 -2.22
N SER A 147 -18.19 -26.04 -3.43
CA SER A 147 -19.43 -26.16 -4.20
C SER A 147 -19.68 -27.59 -4.69
N GLU A 148 -18.69 -28.49 -4.57
CA GLU A 148 -18.83 -29.84 -5.06
C GLU A 148 -18.68 -30.90 -3.96
N ASN A 149 -18.08 -30.56 -2.82
CA ASN A 149 -17.85 -31.55 -1.77
C ASN A 149 -19.19 -31.99 -1.18
N LYS A 150 -19.45 -33.30 -1.24
CA LYS A 150 -20.75 -33.82 -0.84
C LYS A 150 -20.93 -33.77 0.67
N GLU A 151 -19.84 -33.97 1.44
CA GLU A 151 -19.96 -33.99 2.88
C GLU A 151 -20.44 -32.63 3.41
N PHE A 152 -19.97 -31.54 2.80
CA PHE A 152 -20.50 -30.22 3.13
C PHE A 152 -22.00 -30.16 2.95
N ALA A 153 -22.49 -30.63 1.80
CA ALA A 153 -23.92 -30.58 1.53
C ALA A 153 -24.71 -31.40 2.55
N ARG A 154 -24.23 -32.61 2.86
CA ARG A 154 -24.99 -33.46 3.78
C ARG A 154 -24.98 -32.91 5.20
N CYS A 155 -23.83 -32.39 5.65
CA CYS A 155 -23.78 -31.85 7.01
C CYS A 155 -24.58 -30.57 7.13
N LEU A 156 -24.62 -29.74 6.09
CA LEU A 156 -25.49 -28.57 6.11
C LEU A 156 -26.96 -28.99 6.13
N ALA A 157 -27.33 -29.93 5.28
CA ALA A 157 -28.72 -30.38 5.23
C ALA A 157 -29.13 -31.20 6.44
N ALA A 158 -28.18 -31.59 7.29
CA ALA A 158 -28.52 -32.45 8.42
C ALA A 158 -29.35 -31.71 9.47
N GLU A 159 -28.74 -30.73 10.15
CA GLU A 159 -29.40 -30.12 11.30
C GLU A 159 -30.64 -29.32 10.92
N ASP A 160 -30.45 -28.13 10.33
CA ASP A 160 -31.57 -27.32 9.90
C ASP A 160 -31.32 -26.50 8.66
N VAL A 161 -30.16 -26.60 8.01
CA VAL A 161 -29.73 -25.64 7.01
C VAL A 161 -29.99 -26.19 5.62
N VAL A 162 -30.56 -25.37 4.75
CA VAL A 162 -30.75 -25.73 3.35
C VAL A 162 -29.51 -25.33 2.57
N PHE A 163 -29.13 -26.14 1.59
CA PHE A 163 -27.96 -25.90 0.76
C PHE A 163 -28.42 -25.49 -0.63
N ILE A 164 -27.98 -24.31 -1.07
CA ILE A 164 -28.33 -23.81 -2.39
C ILE A 164 -27.44 -24.51 -3.41
N GLY A 165 -27.97 -25.58 -4.03
CA GLY A 165 -27.22 -26.37 -4.96
C GLY A 165 -27.88 -27.71 -5.21
N PRO A 166 -27.18 -28.60 -5.90
CA PRO A 166 -27.75 -29.92 -6.19
C PRO A 166 -27.71 -30.84 -4.98
N ASP A 167 -28.52 -31.88 -5.03
CA ASP A 167 -28.60 -32.83 -3.95
C ASP A 167 -27.33 -33.68 -3.88
N THR A 168 -27.16 -34.36 -2.75
CA THR A 168 -25.96 -35.16 -2.53
C THR A 168 -25.88 -36.31 -3.54
N HIS A 169 -27.01 -36.95 -3.84
CA HIS A 169 -26.99 -38.09 -4.75
C HIS A 169 -26.54 -37.68 -6.15
N ALA A 170 -27.03 -36.54 -6.65
CA ALA A 170 -26.65 -36.10 -7.99
C ALA A 170 -25.17 -35.78 -8.07
N ILE A 171 -24.63 -35.11 -7.05
CA ILE A 171 -23.20 -34.79 -7.04
C ILE A 171 -22.38 -36.07 -6.96
N GLN A 172 -22.80 -37.01 -6.12
CA GLN A 172 -22.07 -38.28 -6.02
C GLN A 172 -22.09 -39.04 -7.33
N ALA A 173 -23.22 -39.01 -8.04
CA ALA A 173 -23.31 -39.67 -9.34
C ALA A 173 -22.39 -39.00 -10.35
N MET A 174 -22.61 -37.72 -10.62
CA MET A 174 -21.76 -36.99 -11.56
C MET A 174 -20.61 -36.27 -10.85
N GLY A 175 -19.89 -37.02 -10.01
CA GLY A 175 -18.66 -36.54 -9.42
C GLY A 175 -17.46 -37.33 -9.90
N ASP A 176 -17.71 -38.50 -10.49
CA ASP A 176 -16.67 -39.37 -11.00
C ASP A 176 -16.88 -39.59 -12.49
N LYS A 177 -15.77 -39.67 -13.23
CA LYS A 177 -15.83 -39.79 -14.68
C LYS A 177 -16.24 -41.18 -15.16
N ILE A 178 -16.08 -42.21 -14.32
CA ILE A 178 -16.39 -43.56 -14.75
C ILE A 178 -17.89 -43.82 -14.71
N GLU A 179 -18.54 -43.48 -13.59
CA GLU A 179 -19.96 -43.72 -13.46
C GLU A 179 -20.78 -42.76 -14.33
N SER A 180 -20.25 -41.56 -14.59
CA SER A 180 -20.99 -40.57 -15.38
C SER A 180 -21.25 -41.08 -16.79
N LYS A 181 -20.22 -41.65 -17.43
CA LYS A 181 -20.40 -42.13 -18.79
C LYS A 181 -21.33 -43.34 -18.83
N LEU A 182 -21.27 -44.20 -17.81
CA LEU A 182 -22.19 -45.33 -17.75
C LEU A 182 -23.63 -44.86 -17.61
N LEU A 183 -23.87 -43.87 -16.74
CA LEU A 183 -25.21 -43.32 -16.59
C LEU A 183 -25.68 -42.66 -17.89
N ALA A 184 -24.78 -41.96 -18.57
CA ALA A 184 -25.14 -41.34 -19.85
C ALA A 184 -25.51 -42.40 -20.88
N LYS A 185 -24.74 -43.49 -20.94
CA LYS A 185 -25.07 -44.57 -21.86
C LYS A 185 -26.42 -45.19 -21.53
N LYS A 186 -26.71 -45.35 -20.23
CA LYS A 186 -28.04 -45.79 -19.83
C LYS A 186 -29.10 -44.75 -20.18
N ALA A 187 -28.72 -43.47 -20.27
CA ALA A 187 -29.63 -42.40 -20.63
C ALA A 187 -29.78 -42.21 -22.14
N GLU A 188 -29.35 -43.22 -22.92
CA GLU A 188 -29.49 -43.24 -24.38
C GLU A 188 -29.10 -41.91 -25.04
N VAL A 189 -28.06 -41.27 -24.50
CA VAL A 189 -27.49 -40.09 -25.11
C VAL A 189 -26.17 -40.47 -25.78
N ASN A 190 -25.79 -39.71 -26.80
CA ASN A 190 -24.58 -40.00 -27.55
C ASN A 190 -23.34 -39.78 -26.69
N THR A 191 -22.38 -40.69 -26.82
CA THR A 191 -21.13 -40.62 -26.07
C THR A 191 -19.97 -41.01 -26.97
N ILE A 192 -18.78 -40.57 -26.59
CA ILE A 192 -17.58 -40.92 -27.36
C ILE A 192 -17.32 -42.42 -27.27
N PRO A 193 -17.12 -43.12 -28.38
CA PRO A 193 -16.73 -44.53 -28.31
C PRO A 193 -15.40 -44.68 -27.60
N GLY A 194 -15.28 -45.75 -26.81
CA GLY A 194 -14.06 -45.99 -26.06
C GLY A 194 -14.14 -47.31 -25.34
N PHE A 195 -13.02 -47.65 -24.69
CA PHE A 195 -12.94 -48.90 -23.94
C PHE A 195 -13.84 -48.84 -22.71
N ASP A 196 -14.45 -49.98 -22.39
CA ASP A 196 -15.32 -50.11 -21.22
C ASP A 196 -14.53 -50.72 -20.08
N GLY A 197 -14.50 -50.05 -18.94
CA GLY A 197 -13.70 -50.49 -17.81
C GLY A 197 -12.34 -49.86 -17.78
N VAL A 198 -11.61 -50.17 -16.71
CA VAL A 198 -10.28 -49.62 -16.48
C VAL A 198 -9.23 -50.56 -17.06
N VAL A 199 -8.33 -50.00 -17.87
CA VAL A 199 -7.24 -50.78 -18.46
C VAL A 199 -6.16 -50.99 -17.40
N LYS A 200 -5.69 -52.24 -17.27
CA LYS A 200 -4.71 -52.59 -16.26
C LYS A 200 -3.28 -52.66 -16.77
N ASP A 201 -3.08 -53.05 -18.02
CA ASP A 201 -1.74 -53.13 -18.59
C ASP A 201 -1.79 -52.68 -20.04
N ALA A 202 -0.61 -52.36 -20.59
CA ALA A 202 -0.52 -51.90 -21.97
C ALA A 202 -1.00 -52.94 -22.97
N GLU A 203 -0.99 -54.22 -22.59
CA GLU A 203 -1.52 -55.28 -23.46
C GLU A 203 -3.02 -55.10 -23.69
N GLU A 204 -3.77 -54.83 -22.63
CA GLU A 204 -5.19 -54.53 -22.78
C GLU A 204 -5.38 -53.30 -23.66
N ALA A 205 -4.58 -52.26 -23.40
CA ALA A 205 -4.72 -51.01 -24.15
C ALA A 205 -4.47 -51.23 -25.64
N VAL A 206 -3.44 -52.00 -25.98
CA VAL A 206 -3.14 -52.19 -27.40
C VAL A 206 -4.20 -53.06 -28.07
N ARG A 207 -4.70 -54.10 -27.39
CA ARG A 207 -5.73 -54.89 -28.06
C ARG A 207 -7.00 -54.08 -28.28
N ILE A 208 -7.37 -53.24 -27.32
CA ILE A 208 -8.51 -52.35 -27.54
C ILE A 208 -8.19 -51.38 -28.66
N ALA A 209 -6.96 -50.89 -28.73
CA ALA A 209 -6.55 -49.98 -29.80
C ALA A 209 -6.60 -50.63 -31.17
N ARG A 210 -6.60 -51.96 -31.24
CA ARG A 210 -6.74 -52.62 -32.53
C ARG A 210 -8.08 -52.27 -33.19
N GLU A 211 -9.15 -52.25 -32.41
CA GLU A 211 -10.49 -52.05 -32.95
C GLU A 211 -11.03 -50.64 -32.75
N ILE A 212 -10.22 -49.70 -32.27
CA ILE A 212 -10.66 -48.32 -32.13
C ILE A 212 -9.69 -47.39 -32.84
N GLY A 213 -8.55 -47.92 -33.27
CA GLY A 213 -7.60 -47.15 -34.04
C GLY A 213 -6.52 -46.50 -33.19
N TYR A 214 -5.62 -45.80 -33.89
CA TYR A 214 -4.49 -45.12 -33.28
C TYR A 214 -4.87 -43.78 -32.65
N PRO A 215 -5.71 -42.93 -33.30
CA PRO A 215 -6.06 -41.65 -32.66
C PRO A 215 -6.91 -41.85 -31.41
N VAL A 216 -6.31 -42.39 -30.37
CA VAL A 216 -7.01 -42.71 -29.12
C VAL A 216 -6.22 -42.12 -27.96
N MET A 217 -6.94 -41.49 -27.03
CA MET A 217 -6.35 -40.74 -25.94
C MET A 217 -6.54 -41.47 -24.62
N ILE A 218 -5.44 -41.73 -23.92
CA ILE A 218 -5.49 -42.31 -22.59
C ILE A 218 -5.79 -41.22 -21.57
N LYS A 219 -6.88 -41.37 -20.84
CA LYS A 219 -7.37 -40.34 -19.94
C LYS A 219 -7.28 -40.83 -18.49
N ALA A 220 -6.84 -39.94 -17.61
CA ALA A 220 -6.75 -40.25 -16.18
C ALA A 220 -8.14 -40.20 -15.57
N SER A 221 -8.61 -41.36 -15.09
CA SER A 221 -9.93 -41.43 -14.48
C SER A 221 -9.98 -40.58 -13.22
N ALA A 222 -11.11 -39.90 -13.02
CA ALA A 222 -11.32 -38.98 -11.90
C ALA A 222 -10.31 -37.84 -11.95
N GLY A 223 -10.27 -37.03 -10.89
CA GLY A 223 -9.37 -35.88 -10.89
C GLY A 223 -9.73 -34.91 -11.99
N GLY A 224 -8.73 -34.57 -12.81
CA GLY A 224 -8.96 -33.68 -13.94
C GLY A 224 -8.12 -32.42 -13.90
N GLY A 225 -8.78 -31.26 -13.93
CA GLY A 225 -8.08 -29.99 -13.95
C GLY A 225 -7.27 -29.75 -15.20
N GLY A 226 -7.76 -30.22 -16.35
CA GLY A 226 -7.06 -30.02 -17.60
C GLY A 226 -5.72 -30.71 -17.66
N LYS A 227 -5.58 -31.87 -17.02
CA LYS A 227 -4.34 -32.63 -17.00
C LYS A 227 -4.66 -34.12 -17.06
N GLY A 228 -3.64 -34.92 -17.31
CA GLY A 228 -3.78 -36.36 -17.33
C GLY A 228 -4.18 -36.96 -18.66
N MET A 229 -4.35 -36.14 -19.70
CA MET A 229 -4.70 -36.64 -21.02
C MET A 229 -3.45 -36.68 -21.90
N ARG A 230 -3.15 -37.84 -22.46
CA ARG A 230 -1.97 -38.06 -23.27
C ARG A 230 -2.38 -38.59 -24.64
N ILE A 231 -1.65 -38.18 -25.67
CA ILE A 231 -1.96 -38.51 -27.06
C ILE A 231 -0.95 -39.52 -27.56
N ALA A 232 -1.44 -40.61 -28.15
CA ALA A 232 -0.59 -41.65 -28.71
C ALA A 232 -1.10 -42.03 -30.09
N TRP A 233 -0.17 -42.49 -30.95
CA TRP A 233 -0.54 -42.94 -32.29
C TRP A 233 0.22 -44.19 -32.72
N ASP A 234 0.88 -44.89 -31.81
CA ASP A 234 1.65 -46.07 -32.17
C ASP A 234 1.61 -47.06 -31.03
N ASP A 235 1.82 -48.35 -31.36
CA ASP A 235 1.71 -49.40 -30.35
C ASP A 235 2.77 -49.23 -29.26
N GLU A 236 4.03 -49.02 -29.66
CA GLU A 236 5.06 -48.69 -28.67
C GLU A 236 4.77 -47.35 -28.00
N GLU A 237 4.29 -46.38 -28.79
CA GLU A 237 3.84 -45.13 -28.19
C GLU A 237 2.69 -45.38 -27.23
N THR A 238 1.78 -46.29 -27.58
CA THR A 238 0.67 -46.62 -26.69
C THR A 238 1.19 -47.17 -25.37
N ARG A 239 2.14 -48.11 -25.42
CA ARG A 239 2.62 -48.72 -24.19
C ARG A 239 3.40 -47.72 -23.34
N ASP A 240 4.22 -46.87 -23.95
CA ASP A 240 4.98 -45.91 -23.13
C ASP A 240 4.06 -44.84 -22.56
N GLY A 241 3.04 -44.43 -23.32
CA GLY A 241 2.05 -43.51 -22.78
C GLY A 241 1.26 -44.11 -21.64
N PHE A 242 0.92 -45.40 -21.75
CA PHE A 242 0.23 -46.07 -20.65
C PHE A 242 1.11 -46.12 -19.41
N ARG A 243 2.39 -46.44 -19.58
CA ARG A 243 3.30 -46.45 -18.44
C ARG A 243 3.42 -45.07 -17.81
N LEU A 244 3.53 -44.03 -18.64
CA LEU A 244 3.63 -42.67 -18.12
C LEU A 244 2.36 -42.27 -17.37
N SER A 245 1.19 -42.61 -17.92
CA SER A 245 -0.06 -42.28 -17.25
C SER A 245 -0.20 -43.02 -15.93
N SER A 246 0.19 -44.30 -15.91
CA SER A 246 0.14 -45.07 -14.66
C SER A 246 1.07 -44.46 -13.62
N GLN A 247 2.27 -44.04 -14.03
CA GLN A 247 3.20 -43.42 -13.10
C GLN A 247 2.66 -42.10 -12.57
N GLU A 248 2.08 -41.27 -13.45
CA GLU A 248 1.65 -39.94 -13.05
C GLU A 248 0.30 -39.92 -12.34
N ALA A 249 -0.47 -41.01 -12.43
CA ALA A 249 -1.77 -41.04 -11.74
C ALA A 249 -1.58 -40.95 -10.24
N ALA A 250 -0.60 -41.67 -9.69
CA ALA A 250 -0.33 -41.60 -8.26
C ALA A 250 0.10 -40.20 -7.84
N SER A 251 0.94 -39.55 -8.65
CA SER A 251 1.38 -38.19 -8.34
C SER A 251 0.21 -37.21 -8.39
N SER A 252 -0.70 -37.38 -9.34
CA SER A 252 -1.81 -36.45 -9.50
C SER A 252 -2.86 -36.65 -8.41
N PHE A 253 -3.46 -37.83 -8.34
CA PHE A 253 -4.52 -38.09 -7.37
C PHE A 253 -4.38 -39.40 -6.61
N GLY A 254 -3.64 -40.39 -7.12
CA GLY A 254 -3.43 -41.64 -6.42
C GLY A 254 -4.49 -42.70 -6.65
N ASP A 255 -5.57 -42.38 -7.37
CA ASP A 255 -6.59 -43.39 -7.65
C ASP A 255 -6.07 -44.45 -8.61
N ASP A 256 -5.20 -44.06 -9.54
CA ASP A 256 -4.52 -44.92 -10.51
C ASP A 256 -5.46 -45.55 -11.53
N ARG A 257 -6.76 -45.25 -11.49
CA ARG A 257 -7.67 -45.75 -12.51
C ARG A 257 -7.43 -45.00 -13.82
N LEU A 258 -7.46 -45.75 -14.93
CA LEU A 258 -7.15 -45.20 -16.24
C LEU A 258 -8.32 -45.42 -17.19
N LEU A 259 -8.49 -44.49 -18.12
CA LEU A 259 -9.60 -44.49 -19.06
C LEU A 259 -9.07 -44.37 -20.48
N ILE A 260 -9.55 -45.24 -21.36
CA ILE A 260 -9.20 -45.22 -22.78
C ILE A 260 -10.42 -44.77 -23.57
N GLU A 261 -10.23 -43.74 -24.40
CA GLU A 261 -11.33 -43.23 -25.21
C GLU A 261 -10.78 -42.67 -26.52
N LYS A 262 -11.60 -42.76 -27.56
CA LYS A 262 -11.20 -42.31 -28.90
C LYS A 262 -11.04 -40.80 -28.94
N PHE A 263 -9.91 -40.34 -29.48
CA PHE A 263 -9.69 -38.91 -29.66
C PHE A 263 -10.55 -38.38 -30.80
N ILE A 264 -11.06 -37.17 -30.63
CA ILE A 264 -11.83 -36.47 -31.66
C ILE A 264 -11.00 -35.32 -32.20
N ASP A 265 -10.77 -35.32 -33.50
CA ASP A 265 -9.90 -34.33 -34.13
C ASP A 265 -10.68 -33.08 -34.50
N ASN A 266 -10.06 -31.93 -34.24
CA ASN A 266 -10.67 -30.62 -34.49
C ASN A 266 -12.05 -30.52 -33.83
N PRO A 267 -12.12 -30.58 -32.50
CA PRO A 267 -13.42 -30.54 -31.84
C PRO A 267 -13.85 -29.13 -31.44
N ARG A 268 -15.16 -28.90 -31.36
CA ARG A 268 -15.71 -27.67 -30.83
C ARG A 268 -16.37 -27.95 -29.48
N HIS A 269 -16.07 -27.11 -28.50
CA HIS A 269 -16.63 -27.24 -27.16
C HIS A 269 -17.91 -26.42 -27.10
N ILE A 270 -19.05 -27.07 -27.28
CA ILE A 270 -20.35 -26.43 -27.21
C ILE A 270 -20.93 -26.65 -25.82
N GLU A 271 -21.38 -25.57 -25.19
CA GLU A 271 -21.76 -25.56 -23.78
C GLU A 271 -23.27 -25.43 -23.66
N ILE A 272 -23.88 -26.26 -22.82
CA ILE A 272 -25.32 -26.31 -22.64
C ILE A 272 -25.64 -25.97 -21.19
N GLN A 273 -26.58 -25.04 -21.00
CA GLN A 273 -27.05 -24.66 -19.67
C GLN A 273 -28.41 -25.28 -19.42
N VAL A 274 -28.59 -25.88 -18.25
CA VAL A 274 -29.85 -26.49 -17.86
C VAL A 274 -30.26 -25.98 -16.48
N LEU A 275 -31.57 -25.93 -16.25
CA LEU A 275 -32.12 -25.54 -14.96
C LEU A 275 -33.23 -26.50 -14.57
N GLY A 276 -33.23 -26.93 -13.30
CA GLY A 276 -34.20 -27.89 -12.83
C GLY A 276 -34.74 -27.50 -11.46
N ASP A 277 -35.82 -28.18 -11.08
CA ASP A 277 -36.46 -27.94 -9.78
C ASP A 277 -36.74 -29.25 -9.07
N LYS A 278 -37.48 -29.18 -7.96
CA LYS A 278 -37.86 -30.35 -7.19
C LYS A 278 -39.20 -30.94 -7.61
N HIS A 279 -39.88 -30.32 -8.58
CA HIS A 279 -41.16 -30.80 -9.07
C HIS A 279 -41.04 -31.59 -10.37
N GLY A 280 -39.83 -31.79 -10.87
CA GLY A 280 -39.65 -32.55 -12.10
C GLY A 280 -39.78 -31.75 -13.37
N ASN A 281 -39.29 -30.52 -13.39
CA ASN A 281 -39.30 -29.67 -14.57
C ASN A 281 -37.88 -29.25 -14.90
N ALA A 282 -37.54 -29.31 -16.19
CA ALA A 282 -36.20 -28.98 -16.65
C ALA A 282 -36.29 -28.05 -17.86
N LEU A 283 -35.43 -27.03 -17.87
CA LEU A 283 -35.34 -26.08 -18.97
C LEU A 283 -33.90 -25.98 -19.42
N TRP A 284 -33.68 -25.96 -20.73
CA TRP A 284 -32.37 -25.72 -21.30
C TRP A 284 -32.32 -24.31 -21.86
N LEU A 285 -31.45 -23.48 -21.29
CA LEU A 285 -31.40 -22.06 -21.62
C LEU A 285 -30.40 -21.83 -22.76
N ASN A 286 -30.83 -22.27 -23.94
CA ASN A 286 -30.03 -22.14 -25.18
C ASN A 286 -28.69 -22.85 -24.97
N GLU A 287 -27.66 -22.41 -25.67
CA GLU A 287 -26.35 -23.04 -25.60
C GLU A 287 -25.28 -21.98 -25.36
N ARG A 288 -24.04 -22.42 -25.35
CA ARG A 288 -22.87 -21.54 -25.28
C ARG A 288 -21.73 -22.23 -26.02
N GLU A 289 -20.73 -21.43 -26.39
CA GLU A 289 -19.53 -21.96 -27.03
C GLU A 289 -18.31 -21.44 -26.29
N CYS A 290 -17.47 -22.37 -25.83
CA CYS A 290 -16.22 -22.04 -25.13
C CYS A 290 -15.09 -22.80 -25.82
N SER A 291 -14.53 -22.20 -26.86
CA SER A 291 -13.50 -22.86 -27.66
C SER A 291 -12.12 -22.27 -27.48
N ILE A 292 -12.01 -20.96 -27.26
CA ILE A 292 -10.71 -20.30 -27.11
C ILE A 292 -10.21 -20.61 -25.71
N GLN A 293 -9.30 -21.58 -25.61
CA GLN A 293 -8.77 -22.01 -24.32
C GLN A 293 -7.25 -22.10 -24.37
N ARG A 294 -6.61 -21.70 -23.28
CA ARG A 294 -5.20 -21.97 -23.05
C ARG A 294 -5.07 -22.64 -21.70
N ARG A 295 -4.19 -23.64 -21.62
CA ARG A 295 -4.06 -24.49 -20.43
C ARG A 295 -5.39 -25.11 -20.05
N ASN A 296 -6.22 -25.41 -21.04
CA ASN A 296 -7.56 -25.98 -20.85
C ASN A 296 -8.43 -25.09 -19.95
N GLN A 297 -8.28 -23.77 -20.12
CA GLN A 297 -9.09 -22.80 -19.40
C GLN A 297 -9.67 -21.80 -20.40
N LYS A 298 -10.98 -21.55 -20.30
CA LYS A 298 -11.65 -20.66 -21.23
C LYS A 298 -11.28 -19.20 -20.94
N VAL A 299 -11.17 -18.42 -22.01
CA VAL A 299 -10.87 -16.98 -21.92
C VAL A 299 -11.92 -16.15 -22.64
N VAL A 300 -12.34 -16.58 -23.82
CA VAL A 300 -13.32 -15.86 -24.64
C VAL A 300 -14.53 -16.76 -24.84
N GLU A 301 -15.70 -16.26 -24.45
CA GLU A 301 -16.93 -17.04 -24.52
C GLU A 301 -17.96 -16.31 -25.36
N GLU A 302 -18.73 -17.07 -26.15
CA GLU A 302 -19.80 -16.56 -26.96
C GLU A 302 -21.09 -17.25 -26.57
N ALA A 303 -22.14 -16.47 -26.27
CA ALA A 303 -23.40 -17.09 -25.83
C ALA A 303 -24.11 -17.80 -26.96
N PRO A 304 -24.46 -17.15 -28.08
CA PRO A 304 -25.09 -17.90 -29.16
C PRO A 304 -24.07 -18.58 -30.06
N SER A 305 -24.36 -19.83 -30.41
CA SER A 305 -23.44 -20.61 -31.24
C SER A 305 -23.70 -20.36 -32.71
N ILE A 306 -22.65 -19.95 -33.43
CA ILE A 306 -22.78 -19.70 -34.85
C ILE A 306 -22.67 -20.98 -35.67
N PHE A 307 -22.10 -22.04 -35.10
CA PHE A 307 -21.89 -23.28 -35.84
C PHE A 307 -23.19 -24.04 -36.04
N LEU A 308 -24.01 -24.15 -35.00
CA LEU A 308 -25.14 -25.07 -35.02
C LEU A 308 -26.40 -24.39 -35.52
N ASP A 309 -27.32 -25.23 -36.01
CA ASP A 309 -28.62 -24.80 -36.49
C ASP A 309 -29.68 -25.12 -35.44
N ALA A 310 -30.94 -24.80 -35.74
CA ALA A 310 -32.02 -24.98 -34.79
C ALA A 310 -32.22 -26.46 -34.46
N GLU A 311 -32.13 -27.34 -35.46
CA GLU A 311 -32.41 -28.75 -35.24
C GLU A 311 -31.41 -29.38 -34.28
N THR A 312 -30.12 -29.18 -34.53
CA THR A 312 -29.10 -29.73 -33.65
C THR A 312 -29.18 -29.14 -32.26
N ARG A 313 -29.47 -27.83 -32.16
CA ARG A 313 -29.63 -27.20 -30.86
C ARG A 313 -30.77 -27.83 -30.08
N ARG A 314 -31.91 -28.06 -30.74
CA ARG A 314 -33.05 -28.70 -30.09
C ARG A 314 -32.70 -30.11 -29.66
N ALA A 315 -32.00 -30.86 -30.51
CA ALA A 315 -31.63 -32.23 -30.17
C ALA A 315 -30.73 -32.27 -28.94
N MET A 316 -29.71 -31.40 -28.91
CA MET A 316 -28.81 -31.36 -27.77
C MET A 316 -29.53 -30.92 -26.50
N GLY A 317 -30.43 -29.93 -26.62
CA GLY A 317 -31.20 -29.53 -25.45
C GLY A 317 -32.08 -30.63 -24.91
N GLU A 318 -32.74 -31.38 -25.81
CA GLU A 318 -33.56 -32.49 -25.38
C GLU A 318 -32.73 -33.58 -24.72
N GLN A 319 -31.56 -33.88 -25.27
CA GLN A 319 -30.68 -34.88 -24.66
C GLN A 319 -30.22 -34.43 -23.28
N ALA A 320 -29.85 -33.15 -23.13
CA ALA A 320 -29.43 -32.65 -21.83
C ALA A 320 -30.57 -32.71 -20.82
N VAL A 321 -31.79 -32.35 -21.26
CA VAL A 321 -32.94 -32.40 -20.35
C VAL A 321 -33.22 -33.83 -19.92
N ALA A 322 -33.15 -34.78 -20.86
CA ALA A 322 -33.36 -36.18 -20.52
C ALA A 322 -32.31 -36.68 -19.53
N LEU A 323 -31.05 -36.30 -19.75
CA LEU A 323 -29.99 -36.71 -18.82
C LEU A 323 -30.22 -36.11 -17.44
N ALA A 324 -30.63 -34.84 -17.39
CA ALA A 324 -30.92 -34.21 -16.10
C ALA A 324 -32.07 -34.89 -15.39
N ARG A 325 -33.11 -35.26 -16.13
CA ARG A 325 -34.23 -35.99 -15.55
C ARG A 325 -33.78 -37.34 -15.01
N ALA A 326 -32.91 -38.03 -15.75
CA ALA A 326 -32.39 -39.31 -15.28
C ALA A 326 -31.58 -39.13 -14.00
N VAL A 327 -30.78 -38.07 -13.93
CA VAL A 327 -29.98 -37.80 -12.73
C VAL A 327 -30.84 -37.18 -11.62
N LYS A 328 -32.04 -36.69 -11.97
CA LYS A 328 -32.93 -36.01 -11.02
C LYS A 328 -32.27 -34.75 -10.46
N TYR A 329 -31.67 -33.96 -11.36
CA TYR A 329 -31.11 -32.68 -10.97
C TYR A 329 -32.23 -31.73 -10.55
N SER A 330 -31.98 -30.96 -9.50
CA SER A 330 -32.99 -30.06 -8.94
C SER A 330 -32.39 -28.70 -8.62
N SER A 331 -31.50 -28.22 -9.47
CA SER A 331 -30.88 -26.92 -9.29
C SER A 331 -30.34 -26.45 -10.64
N ALA A 332 -29.52 -25.41 -10.63
CA ALA A 332 -28.86 -24.95 -11.85
C ALA A 332 -27.64 -25.81 -12.13
N GLY A 333 -27.47 -26.20 -13.40
CA GLY A 333 -26.37 -27.04 -13.79
C GLY A 333 -26.03 -26.85 -15.25
N THR A 334 -24.95 -27.50 -15.66
CA THR A 334 -24.46 -27.37 -17.03
C THR A 334 -24.07 -28.73 -17.57
N VAL A 335 -24.16 -28.87 -18.90
CA VAL A 335 -23.75 -30.08 -19.61
C VAL A 335 -22.83 -29.66 -20.74
N GLU A 336 -21.70 -30.36 -20.89
CA GLU A 336 -20.70 -30.05 -21.90
C GLU A 336 -20.72 -31.12 -22.99
N PHE A 337 -20.53 -30.67 -24.23
CA PHE A 337 -20.52 -31.56 -25.39
C PHE A 337 -19.31 -31.24 -26.26
N LEU A 338 -18.90 -32.24 -27.04
CA LEU A 338 -17.86 -32.08 -28.05
C LEU A 338 -18.48 -32.30 -29.42
N VAL A 339 -18.34 -31.32 -30.31
CA VAL A 339 -18.92 -31.37 -31.64
C VAL A 339 -17.78 -31.34 -32.65
N ASP A 340 -17.79 -32.29 -33.58
CA ASP A 340 -16.77 -32.39 -34.61
C ASP A 340 -17.18 -31.58 -35.84
N SER A 341 -16.43 -31.72 -36.93
CA SER A 341 -16.74 -30.99 -38.16
C SER A 341 -18.02 -31.52 -38.80
N LYS A 342 -18.31 -32.81 -38.64
CA LYS A 342 -19.49 -33.43 -39.26
C LYS A 342 -20.76 -33.27 -38.43
N LYS A 343 -20.80 -32.28 -37.53
CA LYS A 343 -21.98 -31.99 -36.72
C LYS A 343 -22.42 -33.20 -35.90
N ASN A 344 -21.45 -33.89 -35.32
CA ASN A 344 -21.72 -35.01 -34.41
C ASN A 344 -21.28 -34.62 -33.01
N PHE A 345 -22.19 -34.76 -32.05
CA PHE A 345 -21.95 -34.32 -30.67
C PHE A 345 -21.94 -35.52 -29.74
N TYR A 346 -21.01 -35.50 -28.77
CA TYR A 346 -20.90 -36.54 -27.75
C TYR A 346 -20.86 -35.90 -26.38
N PHE A 347 -21.50 -36.55 -25.41
CA PHE A 347 -21.51 -36.05 -24.04
C PHE A 347 -20.11 -36.13 -23.43
N LEU A 348 -19.80 -35.12 -22.62
CA LEU A 348 -18.52 -35.10 -21.90
C LEU A 348 -18.70 -34.25 -20.64
N GLU A 349 -18.79 -34.91 -19.49
CA GLU A 349 -18.78 -34.27 -18.17
C GLU A 349 -20.04 -33.45 -17.89
N MET A 350 -20.46 -33.41 -16.63
CA MET A 350 -21.55 -32.56 -16.17
C MET A 350 -21.09 -31.81 -14.93
N ASN A 351 -21.23 -30.49 -14.93
CA ASN A 351 -20.84 -29.68 -13.80
C ASN A 351 -22.04 -29.44 -12.90
N THR A 352 -21.94 -29.92 -11.66
CA THR A 352 -23.03 -29.78 -10.69
C THR A 352 -22.82 -28.54 -9.81
N ARG A 353 -22.74 -27.39 -10.46
CA ARG A 353 -22.54 -26.12 -9.77
C ARG A 353 -22.90 -24.99 -10.74
N LEU A 354 -22.86 -23.77 -10.24
CA LEU A 354 -23.06 -22.60 -11.08
C LEU A 354 -21.85 -22.41 -11.99
N GLN A 355 -22.11 -22.17 -13.28
CA GLN A 355 -21.04 -21.97 -14.23
C GLN A 355 -20.55 -20.52 -14.20
N VAL A 356 -19.25 -20.34 -14.41
CA VAL A 356 -18.67 -19.01 -14.44
C VAL A 356 -19.24 -18.19 -15.60
N GLU A 357 -19.74 -18.86 -16.63
CA GLU A 357 -20.21 -18.21 -17.85
C GLU A 357 -21.70 -17.91 -17.81
N HIS A 358 -22.32 -17.94 -16.62
CA HIS A 358 -23.75 -17.68 -16.54
C HIS A 358 -24.16 -16.29 -17.04
N PRO A 359 -23.45 -15.19 -16.77
CA PRO A 359 -23.99 -13.88 -17.20
C PRO A 359 -24.18 -13.76 -18.69
N VAL A 360 -23.31 -14.37 -19.50
CA VAL A 360 -23.39 -14.19 -20.94
C VAL A 360 -24.63 -14.89 -21.50
N THR A 361 -25.03 -16.01 -20.90
CA THR A 361 -26.28 -16.65 -21.30
C THR A 361 -27.49 -16.05 -20.60
N GLU A 362 -27.29 -15.25 -19.56
CA GLU A 362 -28.39 -14.45 -19.02
C GLU A 362 -28.71 -13.26 -19.92
N CYS A 363 -27.70 -12.68 -20.57
CA CYS A 363 -27.94 -11.52 -21.41
C CYS A 363 -28.85 -11.84 -22.60
N ILE A 364 -28.67 -13.01 -23.22
CA ILE A 364 -29.45 -13.34 -24.41
C ILE A 364 -30.88 -13.75 -24.09
N THR A 365 -31.19 -14.06 -22.83
CA THR A 365 -32.52 -14.49 -22.46
C THR A 365 -33.23 -13.56 -21.47
N GLY A 366 -32.51 -12.66 -20.82
CA GLY A 366 -33.15 -11.75 -19.89
C GLY A 366 -33.64 -12.41 -18.61
N LEU A 367 -33.06 -13.53 -18.22
CA LEU A 367 -33.47 -14.26 -17.02
C LEU A 367 -32.35 -14.23 -16.00
N ASP A 368 -32.73 -14.17 -14.73
CA ASP A 368 -31.79 -14.13 -13.61
C ASP A 368 -31.60 -15.54 -13.08
N LEU A 369 -30.40 -16.10 -13.27
CA LEU A 369 -30.16 -17.48 -12.86
C LEU A 369 -30.11 -17.60 -11.35
N VAL A 370 -29.47 -16.64 -10.67
CA VAL A 370 -29.37 -16.71 -9.21
C VAL A 370 -30.74 -16.59 -8.57
N GLN A 371 -31.58 -15.68 -9.08
CA GLN A 371 -32.94 -15.54 -8.58
C GLN A 371 -33.72 -16.84 -8.71
N GLU A 372 -33.70 -17.44 -9.89
CA GLU A 372 -34.45 -18.67 -10.13
C GLU A 372 -33.92 -19.81 -9.27
N MET A 373 -32.59 -19.90 -9.13
CA MET A 373 -32.01 -20.96 -8.31
C MET A 373 -32.40 -20.79 -6.84
N ILE A 374 -32.41 -19.55 -6.35
CA ILE A 374 -32.84 -19.30 -4.97
C ILE A 374 -34.30 -19.68 -4.79
N ARG A 375 -35.16 -19.30 -5.75
CA ARG A 375 -36.57 -19.65 -5.66
C ARG A 375 -36.77 -21.17 -5.68
N VAL A 376 -35.99 -21.88 -6.50
CA VAL A 376 -36.07 -23.34 -6.52
C VAL A 376 -35.64 -23.90 -5.18
N ALA A 377 -34.57 -23.36 -4.60
CA ALA A 377 -34.14 -23.79 -3.27
C ALA A 377 -35.25 -23.56 -2.24
N LYS A 378 -36.02 -22.49 -2.39
CA LYS A 378 -37.17 -22.27 -1.52
C LYS A 378 -38.22 -23.36 -1.72
N GLY A 379 -38.50 -23.70 -2.97
CA GLY A 379 -39.45 -24.76 -3.26
C GLY A 379 -40.46 -24.42 -4.34
N TYR A 380 -40.50 -23.16 -4.76
CA TYR A 380 -41.45 -22.75 -5.78
C TYR A 380 -41.09 -23.38 -7.13
N PRO A 381 -42.10 -23.71 -7.94
CA PRO A 381 -41.83 -24.24 -9.27
C PRO A 381 -41.44 -23.13 -10.24
N LEU A 382 -40.93 -23.55 -11.39
CA LEU A 382 -40.56 -22.59 -12.43
C LEU A 382 -41.80 -21.92 -13.02
N ARG A 383 -41.64 -20.65 -13.39
CA ARG A 383 -42.70 -19.86 -13.99
C ARG A 383 -42.56 -19.75 -15.50
N HIS A 384 -41.67 -20.53 -16.11
CA HIS A 384 -41.43 -20.48 -17.54
C HIS A 384 -41.59 -21.87 -18.15
N LYS A 385 -41.84 -21.89 -19.45
CA LYS A 385 -41.92 -23.12 -20.23
C LYS A 385 -40.84 -23.11 -21.30
N GLN A 386 -40.63 -24.28 -21.91
CA GLN A 386 -39.61 -24.39 -22.94
C GLN A 386 -39.94 -23.52 -24.16
N ALA A 387 -41.21 -23.19 -24.36
CA ALA A 387 -41.63 -22.29 -25.43
C ALA A 387 -41.52 -20.82 -25.02
N ASP A 388 -41.20 -20.54 -23.77
CA ASP A 388 -41.08 -19.17 -23.28
C ASP A 388 -39.66 -18.64 -23.36
N ILE A 389 -38.70 -19.45 -23.82
CA ILE A 389 -37.31 -19.04 -23.92
C ILE A 389 -36.99 -18.76 -25.38
N ARG A 390 -36.44 -17.58 -25.66
CA ARG A 390 -36.04 -17.20 -26.99
C ARG A 390 -34.66 -16.56 -26.95
N ILE A 391 -33.95 -16.64 -28.07
CA ILE A 391 -32.66 -15.98 -28.23
C ILE A 391 -32.90 -14.53 -28.63
N ASN A 392 -32.30 -13.60 -27.89
CA ASN A 392 -32.51 -12.17 -28.10
C ASN A 392 -31.15 -11.50 -28.29
N GLY A 393 -30.70 -11.42 -29.54
CA GLY A 393 -29.47 -10.73 -29.85
C GLY A 393 -28.23 -11.60 -29.78
N TRP A 394 -27.10 -11.00 -29.43
CA TRP A 394 -25.83 -11.70 -29.36
C TRP A 394 -25.08 -11.21 -28.13
N ALA A 395 -24.16 -12.03 -27.64
CA ALA A 395 -23.39 -11.69 -26.45
C ALA A 395 -22.01 -12.33 -26.52
N VAL A 396 -21.00 -11.58 -26.11
CA VAL A 396 -19.61 -12.03 -26.10
C VAL A 396 -19.02 -11.71 -24.74
N GLU A 397 -18.31 -12.68 -24.15
CA GLU A 397 -17.69 -12.51 -22.84
C GLU A 397 -16.22 -12.88 -22.93
N CYS A 398 -15.35 -12.03 -22.38
CA CYS A 398 -13.93 -12.30 -22.26
C CYS A 398 -13.51 -12.16 -20.80
N ARG A 399 -12.58 -13.00 -20.37
CA ARG A 399 -12.16 -13.07 -18.98
C ARG A 399 -10.83 -12.33 -18.81
N VAL A 400 -10.81 -11.38 -17.88
CA VAL A 400 -9.63 -10.57 -17.61
C VAL A 400 -8.87 -11.19 -16.45
N TYR A 401 -7.60 -11.50 -16.67
CA TYR A 401 -6.76 -12.14 -15.67
C TYR A 401 -5.59 -11.23 -15.30
N ALA A 402 -5.12 -11.38 -14.06
CA ALA A 402 -3.90 -10.70 -13.62
C ALA A 402 -2.69 -11.59 -13.96
N GLU A 403 -2.39 -11.62 -15.26
CA GLU A 403 -1.36 -12.51 -15.77
C GLU A 403 -0.70 -11.87 -16.97
N ASP A 404 0.52 -12.34 -17.26
CA ASP A 404 1.29 -11.82 -18.38
C ASP A 404 1.07 -12.70 -19.60
N PRO A 405 0.44 -12.21 -20.66
CA PRO A 405 0.18 -13.04 -21.85
C PRO A 405 1.38 -13.23 -22.76
N TYR A 406 2.58 -12.77 -22.37
CA TYR A 406 3.77 -12.90 -23.19
C TYR A 406 4.58 -14.15 -22.86
N LYS A 407 4.15 -14.96 -21.89
CA LYS A 407 4.89 -16.14 -21.47
C LYS A 407 3.91 -17.28 -21.25
N SER A 408 3.96 -18.28 -22.12
CA SER A 408 3.13 -19.48 -22.01
C SER A 408 1.64 -19.15 -21.97
N PHE A 409 1.25 -18.13 -22.74
CA PHE A 409 -0.13 -17.66 -22.83
C PHE A 409 -0.71 -17.27 -21.48
N GLY A 410 0.14 -16.86 -20.54
CA GLY A 410 -0.32 -16.47 -19.23
C GLY A 410 0.54 -17.01 -18.09
N LEU A 411 0.98 -16.12 -17.20
CA LEU A 411 1.78 -16.48 -16.04
C LEU A 411 1.26 -15.64 -14.87
N PRO A 412 1.01 -16.26 -13.71
CA PRO A 412 0.46 -15.50 -12.58
C PRO A 412 1.38 -14.37 -12.14
N SER A 413 0.76 -13.25 -11.76
CA SER A 413 1.49 -12.07 -11.32
C SER A 413 0.82 -11.50 -10.08
N ILE A 414 1.56 -10.69 -9.33
CA ILE A 414 1.08 -10.09 -8.10
C ILE A 414 1.35 -8.59 -8.16
N GLY A 415 0.61 -7.86 -7.33
CA GLY A 415 0.77 -6.43 -7.24
C GLY A 415 -0.43 -5.78 -6.60
N ARG A 416 -0.36 -4.45 -6.51
CA ARG A 416 -1.43 -3.64 -5.96
C ARG A 416 -1.90 -2.66 -7.02
N LEU A 417 -3.21 -2.56 -7.20
CA LEU A 417 -3.78 -1.74 -8.26
C LEU A 417 -3.81 -0.27 -7.81
N SER A 418 -3.16 0.60 -8.59
CA SER A 418 -3.18 2.02 -8.30
C SER A 418 -4.33 2.74 -8.98
N GLN A 419 -4.70 2.33 -10.19
CA GLN A 419 -5.81 2.96 -10.90
C GLN A 419 -6.73 1.88 -11.44
N TYR A 420 -8.04 2.11 -11.32
CA TYR A 420 -9.02 1.14 -11.79
C TYR A 420 -10.29 1.88 -12.16
N GLN A 421 -10.64 1.86 -13.44
CA GLN A 421 -11.88 2.44 -13.93
C GLN A 421 -12.51 1.49 -14.94
N GLU A 422 -13.83 1.46 -14.95
CA GLU A 422 -14.56 0.60 -15.87
C GLU A 422 -15.37 1.44 -16.86
N PRO A 423 -15.53 0.98 -18.10
CA PRO A 423 -16.29 1.73 -19.10
C PRO A 423 -17.79 1.50 -18.98
N LEU A 424 -18.36 1.91 -17.84
CA LEU A 424 -19.78 1.73 -17.60
C LEU A 424 -20.64 2.70 -18.40
N HIS A 425 -20.05 3.76 -18.97
CA HIS A 425 -20.79 4.71 -19.79
C HIS A 425 -20.92 4.28 -21.24
N LEU A 426 -20.18 3.26 -21.67
CA LEU A 426 -20.31 2.77 -23.03
C LEU A 426 -21.61 2.00 -23.20
N PRO A 427 -22.20 2.02 -24.40
CA PRO A 427 -23.49 1.36 -24.59
C PRO A 427 -23.36 -0.15 -24.61
N GLY A 428 -24.30 -0.82 -23.94
CA GLY A 428 -24.36 -2.27 -23.94
C GLY A 428 -23.15 -2.94 -23.33
N VAL A 429 -22.65 -2.43 -22.21
CA VAL A 429 -21.49 -2.99 -21.54
C VAL A 429 -21.88 -3.30 -20.09
N ARG A 430 -21.62 -4.54 -19.67
CA ARG A 430 -21.85 -4.97 -18.29
C ARG A 430 -20.54 -5.50 -17.72
N VAL A 431 -20.19 -5.03 -16.52
CA VAL A 431 -18.95 -5.41 -15.86
C VAL A 431 -19.29 -6.08 -14.55
N ASP A 432 -18.73 -7.26 -14.33
CA ASP A 432 -18.89 -8.01 -13.08
C ASP A 432 -17.50 -8.15 -12.46
N SER A 433 -17.14 -7.19 -11.61
CA SER A 433 -15.82 -7.13 -11.01
C SER A 433 -15.92 -7.16 -9.49
N GLY A 434 -14.97 -7.85 -8.87
CA GLY A 434 -14.87 -7.87 -7.42
C GLY A 434 -13.66 -7.13 -6.92
N ILE A 435 -13.21 -6.13 -7.69
CA ILE A 435 -12.00 -5.37 -7.39
C ILE A 435 -12.34 -3.89 -7.35
N GLN A 436 -11.61 -3.16 -6.52
CA GLN A 436 -11.72 -1.72 -6.38
C GLN A 436 -10.32 -1.13 -6.38
N PRO A 437 -10.17 0.17 -6.64
CA PRO A 437 -8.85 0.79 -6.54
C PRO A 437 -8.27 0.61 -5.14
N GLY A 438 -6.97 0.32 -5.10
CA GLY A 438 -6.28 0.03 -3.87
C GLY A 438 -6.30 -1.42 -3.45
N SER A 439 -6.99 -2.29 -4.20
CA SER A 439 -7.01 -3.71 -3.87
C SER A 439 -5.65 -4.35 -4.16
N ASP A 440 -5.48 -5.57 -3.68
CA ASP A 440 -4.23 -6.30 -3.81
C ASP A 440 -4.50 -7.66 -4.44
N ILE A 441 -3.52 -8.14 -5.21
CA ILE A 441 -3.56 -9.45 -5.84
C ILE A 441 -2.55 -10.34 -5.11
N SER A 442 -3.04 -11.42 -4.50
CA SER A 442 -2.22 -12.29 -3.68
C SER A 442 -1.85 -13.54 -4.47
N ILE A 443 -1.21 -14.50 -3.79
CA ILE A 443 -0.75 -15.73 -4.41
C ILE A 443 -1.60 -16.93 -4.04
N TYR A 444 -2.46 -16.82 -3.02
CA TYR A 444 -3.23 -17.97 -2.54
C TYR A 444 -4.50 -18.22 -3.34
N TYR A 445 -4.92 -17.29 -4.18
CA TYR A 445 -6.22 -17.37 -4.82
C TYR A 445 -6.10 -17.15 -6.33
N ASP A 446 -7.25 -17.09 -6.98
CA ASP A 446 -7.33 -16.89 -8.41
C ASP A 446 -6.81 -15.50 -8.77
N PRO A 447 -6.03 -15.37 -9.86
CA PRO A 447 -5.67 -14.02 -10.33
C PRO A 447 -6.78 -13.34 -11.11
N MET A 448 -8.01 -13.84 -10.93
CA MET A 448 -9.20 -13.23 -11.52
C MET A 448 -9.27 -11.75 -11.20
N ILE A 449 -9.67 -10.95 -12.18
CA ILE A 449 -9.81 -9.51 -11.99
C ILE A 449 -11.26 -9.09 -12.23
N SER A 450 -11.76 -9.32 -13.44
CA SER A 450 -13.10 -8.86 -13.79
C SER A 450 -13.60 -9.65 -14.99
N LYS A 451 -14.92 -9.61 -15.18
CA LYS A 451 -15.59 -10.19 -16.33
C LYS A 451 -16.25 -9.08 -17.12
N LEU A 452 -15.93 -9.00 -18.41
CA LEU A 452 -16.50 -7.98 -19.30
C LEU A 452 -17.49 -8.65 -20.24
N ILE A 453 -18.75 -8.21 -20.19
CA ILE A 453 -19.82 -8.77 -21.00
C ILE A 453 -20.45 -7.65 -21.81
N THR A 454 -20.57 -7.86 -23.12
CA THR A 454 -21.24 -6.92 -24.01
C THR A 454 -22.30 -7.65 -24.82
N TYR A 455 -23.35 -6.92 -25.19
CA TYR A 455 -24.45 -7.48 -25.95
C TYR A 455 -24.82 -6.52 -27.08
N GLY A 456 -25.49 -7.07 -28.09
CA GLY A 456 -25.90 -6.27 -29.21
C GLY A 456 -26.94 -7.00 -30.04
N SER A 457 -27.29 -6.37 -31.17
CA SER A 457 -28.30 -6.97 -32.05
C SER A 457 -27.74 -8.15 -32.85
N ASP A 458 -26.44 -8.18 -33.09
CA ASP A 458 -25.82 -9.25 -33.85
C ASP A 458 -24.35 -9.36 -33.46
N ARG A 459 -23.65 -10.28 -34.11
CA ARG A 459 -22.27 -10.59 -33.75
C ARG A 459 -21.36 -9.38 -33.96
N THR A 460 -21.49 -8.71 -35.10
CA THR A 460 -20.56 -7.65 -35.46
C THR A 460 -20.66 -6.47 -34.49
N GLU A 461 -21.89 -6.04 -34.17
CA GLU A 461 -22.06 -4.92 -33.26
C GLU A 461 -21.54 -5.27 -31.87
N ALA A 462 -21.80 -6.49 -31.41
CA ALA A 462 -21.29 -6.91 -30.10
C ALA A 462 -19.78 -6.93 -30.07
N LEU A 463 -19.15 -7.43 -31.14
CA LEU A 463 -17.69 -7.45 -31.19
C LEU A 463 -17.11 -6.04 -31.20
N LYS A 464 -17.72 -5.13 -31.97
CA LYS A 464 -17.23 -3.76 -32.01
C LYS A 464 -17.38 -3.09 -30.65
N ARG A 465 -18.52 -3.29 -29.98
CA ARG A 465 -18.72 -2.71 -28.66
C ARG A 465 -17.72 -3.28 -27.66
N MET A 466 -17.45 -4.58 -27.74
CA MET A 466 -16.50 -5.19 -26.81
C MET A 466 -15.09 -4.68 -27.05
N ALA A 467 -14.71 -4.49 -28.32
CA ALA A 467 -13.41 -3.90 -28.61
C ALA A 467 -13.30 -2.49 -28.07
N ASP A 468 -14.36 -1.70 -28.22
CA ASP A 468 -14.36 -0.35 -27.68
C ASP A 468 -14.23 -0.37 -26.16
N ALA A 469 -14.96 -1.28 -25.50
CA ALA A 469 -14.88 -1.39 -24.04
C ALA A 469 -13.49 -1.81 -23.60
N LEU A 470 -12.87 -2.75 -24.30
CA LEU A 470 -11.52 -3.16 -23.97
C LEU A 470 -10.53 -2.00 -24.13
N ASP A 471 -10.71 -1.20 -25.18
CA ASP A 471 -9.85 -0.04 -25.36
C ASP A 471 -10.10 1.03 -24.30
N ASN A 472 -11.32 1.08 -23.76
CA ASN A 472 -11.68 2.08 -22.76
C ASN A 472 -11.64 1.53 -21.33
N TYR A 473 -10.70 0.63 -21.04
CA TYR A 473 -10.60 -0.02 -19.75
C TYR A 473 -9.26 0.33 -19.12
N VAL A 474 -9.30 0.79 -17.87
CA VAL A 474 -8.13 1.33 -17.18
C VAL A 474 -7.74 0.40 -16.05
N ILE A 475 -6.52 -0.13 -16.12
CA ILE A 475 -5.91 -0.90 -15.03
C ILE A 475 -4.44 -0.51 -14.94
N ARG A 476 -4.01 -0.04 -13.78
CA ARG A 476 -2.61 0.32 -13.55
C ARG A 476 -2.14 -0.32 -12.26
N GLY A 477 -0.97 -0.97 -12.31
CA GLY A 477 -0.39 -1.56 -11.14
C GLY A 477 0.02 -3.01 -11.33
N VAL A 478 -0.80 -3.77 -12.06
CA VAL A 478 -0.53 -5.17 -12.35
C VAL A 478 -0.68 -5.40 -13.84
N THR A 479 0.06 -6.39 -14.36
CA THR A 479 -0.02 -6.74 -15.77
C THR A 479 -1.24 -7.62 -16.02
N HIS A 480 -1.94 -7.33 -17.11
CA HIS A 480 -3.17 -8.02 -17.47
C HIS A 480 -3.04 -8.63 -18.86
N ASN A 481 -4.07 -9.36 -19.28
CA ASN A 481 -4.11 -10.00 -20.58
C ASN A 481 -5.11 -9.33 -21.52
N ILE A 482 -5.29 -8.01 -21.39
CA ILE A 482 -6.24 -7.30 -22.24
C ILE A 482 -5.77 -7.30 -23.68
N ALA A 483 -4.46 -7.22 -23.92
CA ALA A 483 -3.94 -7.20 -25.28
C ALA A 483 -4.31 -8.48 -26.03
N LEU A 484 -4.14 -9.63 -25.38
CA LEU A 484 -4.48 -10.91 -26.00
C LEU A 484 -5.97 -10.98 -26.31
N LEU A 485 -6.81 -10.55 -25.36
CA LEU A 485 -8.25 -10.60 -25.55
C LEU A 485 -8.68 -9.71 -26.72
N ARG A 486 -8.11 -8.51 -26.81
CA ARG A 486 -8.46 -7.62 -27.91
C ARG A 486 -7.90 -8.14 -29.24
N GLU A 487 -6.78 -8.85 -29.21
CA GLU A 487 -6.22 -9.38 -30.44
C GLU A 487 -7.03 -10.58 -30.96
N VAL A 488 -7.58 -11.39 -30.06
CA VAL A 488 -8.34 -12.57 -30.49
C VAL A 488 -9.61 -12.15 -31.23
N ILE A 489 -10.33 -11.17 -30.69
CA ILE A 489 -11.64 -10.82 -31.23
C ILE A 489 -11.56 -10.13 -32.59
N ILE A 490 -10.39 -9.69 -33.01
CA ILE A 490 -10.24 -9.03 -34.31
C ILE A 490 -9.59 -9.95 -35.34
N ASN A 491 -9.35 -11.21 -34.99
CA ASN A 491 -8.76 -12.14 -35.94
C ASN A 491 -9.76 -12.49 -37.04
N SER A 492 -9.23 -12.71 -38.24
CA SER A 492 -10.09 -13.01 -39.39
C SER A 492 -10.83 -14.32 -39.20
N ARG A 493 -10.15 -15.35 -38.70
CA ARG A 493 -10.78 -16.65 -38.51
C ARG A 493 -11.89 -16.58 -37.47
N PHE A 494 -11.65 -15.87 -36.36
CA PHE A 494 -12.67 -15.75 -35.32
C PHE A 494 -13.88 -14.99 -35.84
N VAL A 495 -13.66 -13.94 -36.63
CA VAL A 495 -14.78 -13.21 -37.22
C VAL A 495 -15.56 -14.11 -38.18
N LYS A 496 -14.85 -14.87 -39.00
CA LYS A 496 -15.52 -15.78 -39.93
C LYS A 496 -16.29 -16.86 -39.19
N GLY A 497 -15.71 -17.43 -38.14
CA GLY A 497 -16.36 -18.45 -37.35
C GLY A 497 -15.76 -19.84 -37.41
N ASP A 498 -14.49 -19.98 -37.78
CA ASP A 498 -13.81 -21.26 -37.86
C ASP A 498 -12.80 -21.33 -36.72
N ILE A 499 -13.26 -21.82 -35.56
CA ILE A 499 -12.43 -21.93 -34.37
C ILE A 499 -12.60 -23.30 -33.76
N SER A 500 -11.62 -23.68 -32.94
CA SER A 500 -11.63 -24.98 -32.27
C SER A 500 -10.88 -24.85 -30.95
N THR A 501 -10.79 -25.96 -30.23
CA THR A 501 -10.09 -25.97 -28.95
C THR A 501 -8.60 -25.68 -29.09
N LYS A 502 -8.02 -25.93 -30.27
CA LYS A 502 -6.62 -25.68 -30.53
C LYS A 502 -6.39 -24.39 -31.31
N PHE A 503 -7.30 -23.42 -31.18
CA PHE A 503 -7.19 -22.17 -31.93
C PHE A 503 -5.95 -21.39 -31.51
N LEU A 504 -5.63 -21.38 -30.21
CA LEU A 504 -4.48 -20.63 -29.73
C LEU A 504 -3.16 -21.37 -29.92
N SER A 505 -3.18 -22.66 -30.23
CA SER A 505 -1.97 -23.45 -30.34
C SER A 505 -1.42 -23.53 -31.76
N ASP A 506 -2.13 -22.98 -32.74
CA ASP A 506 -1.66 -22.98 -34.13
C ASP A 506 -1.60 -21.60 -34.76
N VAL A 507 -2.47 -20.67 -34.34
CA VAL A 507 -2.38 -19.30 -34.85
C VAL A 507 -1.09 -18.65 -34.34
N TYR A 508 -0.63 -19.02 -33.14
CA TYR A 508 0.60 -18.50 -32.56
C TYR A 508 1.49 -19.69 -32.21
N PRO A 509 2.13 -20.30 -33.21
CA PRO A 509 3.01 -21.45 -32.91
C PRO A 509 4.17 -21.10 -32.00
N ASP A 510 4.72 -19.89 -32.12
CA ASP A 510 5.84 -19.44 -31.30
C ASP A 510 5.39 -18.66 -30.07
N GLY A 511 4.09 -18.59 -29.81
CA GLY A 511 3.55 -17.86 -28.69
C GLY A 511 3.10 -16.46 -29.08
N PHE A 512 2.39 -15.83 -28.15
CA PHE A 512 1.86 -14.49 -28.38
C PHE A 512 2.98 -13.47 -28.45
N LYS A 513 2.90 -12.57 -29.43
CA LYS A 513 3.91 -11.54 -29.62
C LYS A 513 3.37 -10.12 -29.58
N GLY A 514 2.08 -9.92 -29.85
CA GLY A 514 1.46 -8.62 -29.82
C GLY A 514 0.62 -8.40 -31.06
N HIS A 515 0.31 -7.13 -31.34
CA HIS A 515 -0.48 -6.74 -32.49
C HIS A 515 0.45 -6.32 -33.62
N MET A 516 0.39 -7.03 -34.74
CA MET A 516 1.18 -6.68 -35.92
C MET A 516 0.49 -5.53 -36.62
N LEU A 517 1.03 -4.33 -36.47
CA LEU A 517 0.43 -3.12 -37.02
C LEU A 517 0.92 -2.89 -38.44
N THR A 518 0.00 -2.47 -39.31
CA THR A 518 0.32 -2.24 -40.72
C THR A 518 0.95 -0.86 -40.90
N LYS A 519 1.17 -0.50 -42.17
CA LYS A 519 1.81 0.77 -42.48
C LYS A 519 0.95 1.95 -42.03
N SER A 520 -0.35 1.90 -42.33
CA SER A 520 -1.24 2.99 -41.95
C SER A 520 -1.34 3.13 -40.43
N GLU A 521 -1.44 2.01 -39.72
CA GLU A 521 -1.50 2.05 -38.26
C GLU A 521 -0.19 2.55 -37.67
N LYS A 522 0.93 2.17 -38.29
CA LYS A 522 2.22 2.68 -37.83
C LYS A 522 2.31 4.19 -38.01
N ASN A 523 1.85 4.70 -39.15
CA ASN A 523 1.85 6.13 -39.37
C ASN A 523 0.94 6.84 -38.36
N GLN A 524 -0.23 6.25 -38.09
CA GLN A 524 -1.14 6.84 -37.10
C GLN A 524 -0.49 6.89 -35.73
N LEU A 525 0.17 5.81 -35.32
CA LEU A 525 0.84 5.77 -34.03
C LEU A 525 1.94 6.81 -33.94
N LEU A 526 2.75 6.93 -35.00
CA LEU A 526 3.83 7.92 -35.00
C LEU A 526 3.26 9.33 -34.91
N ALA A 527 2.19 9.61 -35.67
CA ALA A 527 1.58 10.94 -35.63
C ALA A 527 1.02 11.23 -34.24
N ILE A 528 0.36 10.25 -33.61
CA ILE A 528 -0.21 10.46 -32.29
C ILE A 528 0.89 10.73 -31.26
N ALA A 529 1.98 9.95 -31.32
CA ALA A 529 3.07 10.15 -30.37
C ALA A 529 3.71 11.52 -30.55
N SER A 530 3.96 11.92 -31.79
CA SER A 530 4.55 13.22 -32.05
C SER A 530 3.63 14.35 -31.59
N SER A 531 2.33 14.21 -31.85
CA SER A 531 1.37 15.22 -31.42
C SER A 531 1.35 15.35 -29.90
N LEU A 532 1.37 14.21 -29.19
CA LEU A 532 1.37 14.25 -27.73
C LEU A 532 2.64 14.89 -27.19
N PHE A 533 3.79 14.55 -27.78
CA PHE A 533 5.05 15.15 -27.35
C PHE A 533 5.03 16.66 -27.54
N VAL A 534 4.58 17.12 -28.71
CA VAL A 534 4.53 18.55 -28.97
C VAL A 534 3.52 19.23 -28.05
N ALA A 535 2.40 18.56 -27.74
CA ALA A 535 1.42 19.12 -26.83
C ALA A 535 2.00 19.31 -25.44
N PHE A 536 2.75 18.32 -24.95
CA PHE A 536 3.40 18.47 -23.64
C PHE A 536 4.41 19.61 -23.67
N GLN A 537 5.21 19.69 -24.75
CA GLN A 537 6.20 20.76 -24.85
C GLN A 537 5.54 22.13 -24.86
N LEU A 538 4.40 22.24 -25.55
CA LEU A 538 3.69 23.52 -25.60
C LEU A 538 3.07 23.86 -24.26
N ARG A 539 2.51 22.87 -23.56
CA ARG A 539 1.95 23.11 -22.24
C ARG A 539 3.02 23.56 -21.25
N ALA A 540 4.25 23.07 -21.43
CA ALA A 540 5.32 23.41 -20.49
C ALA A 540 5.63 24.91 -20.47
N GLN A 541 5.23 25.66 -21.49
CA GLN A 541 5.62 27.06 -21.63
C GLN A 541 4.61 28.05 -21.07
N HIS A 542 3.51 27.58 -20.49
CA HIS A 542 2.44 28.47 -20.03
C HIS A 542 2.65 28.80 -18.55
N PHE A 543 3.29 29.93 -18.30
CA PHE A 543 3.49 30.45 -16.95
C PHE A 543 2.46 31.53 -16.63
N GLN A 544 2.49 31.98 -15.38
CA GLN A 544 1.64 33.08 -14.94
C GLN A 544 2.39 34.40 -15.05
N GLU A 545 1.61 35.48 -15.10
CA GLU A 545 2.20 36.81 -15.19
C GLU A 545 3.01 37.13 -13.95
N ASN A 546 4.20 37.70 -14.15
CA ASN A 546 5.10 38.03 -13.05
C ASN A 546 5.14 39.52 -12.75
N SER A 547 4.85 40.38 -13.74
CA SER A 547 4.83 41.84 -13.64
C SER A 547 6.20 42.44 -13.41
N ARG A 548 7.26 41.63 -13.28
CA ARG A 548 8.62 42.13 -13.13
C ARG A 548 9.51 41.74 -14.31
N MET A 549 9.48 40.48 -14.72
CA MET A 549 10.18 40.02 -15.92
C MET A 549 9.17 39.34 -16.83
N PRO A 550 8.64 40.05 -17.83
CA PRO A 550 7.69 39.43 -18.75
C PRO A 550 8.34 38.31 -19.55
N VAL A 551 7.54 37.30 -19.89
CA VAL A 551 8.03 36.11 -20.58
C VAL A 551 7.86 36.32 -22.08
N ILE A 552 8.93 36.06 -22.83
CA ILE A 552 8.93 36.17 -24.28
C ILE A 552 8.87 34.76 -24.83
N LYS A 553 7.68 34.30 -25.18
CA LYS A 553 7.51 32.95 -25.69
C LYS A 553 8.19 32.81 -27.05
N PRO A 554 8.86 31.68 -27.31
CA PRO A 554 9.46 31.47 -28.63
C PRO A 554 8.39 31.33 -29.70
N ASP A 555 8.76 31.71 -30.92
CA ASP A 555 7.85 31.72 -32.06
C ASP A 555 8.21 30.64 -33.08
N ILE A 556 8.60 29.46 -32.61
CA ILE A 556 8.88 28.35 -33.51
C ILE A 556 7.60 27.90 -34.19
N ALA A 557 7.71 27.52 -35.46
CA ALA A 557 6.55 27.16 -36.27
C ALA A 557 6.42 25.66 -36.47
N ASN A 558 7.47 25.02 -37.01
CA ASN A 558 7.46 23.60 -37.32
C ASN A 558 8.44 22.87 -36.41
N TRP A 559 7.99 21.75 -35.84
CA TRP A 559 8.81 20.94 -34.95
C TRP A 559 9.36 19.76 -35.73
N GLU A 560 10.69 19.66 -35.78
CA GLU A 560 11.37 18.56 -36.45
C GLU A 560 11.83 17.56 -35.40
N LEU A 561 11.31 16.34 -35.48
CA LEU A 561 11.55 15.32 -34.47
C LEU A 561 12.09 14.06 -35.12
N SER A 562 12.63 13.17 -34.28
CA SER A 562 13.10 11.85 -34.71
C SER A 562 12.53 10.82 -33.75
N VAL A 563 11.68 9.93 -34.26
CA VAL A 563 10.98 8.95 -33.46
C VAL A 563 11.58 7.58 -33.71
N LYS A 564 11.94 6.88 -32.64
CA LYS A 564 12.51 5.54 -32.73
C LYS A 564 11.48 4.52 -32.24
N LEU A 565 11.04 3.65 -33.14
CA LEU A 565 10.09 2.60 -32.83
C LEU A 565 10.71 1.26 -33.20
N HIS A 566 10.64 0.31 -32.26
CA HIS A 566 11.28 -0.99 -32.42
C HIS A 566 12.76 -0.83 -32.72
N ASP A 567 13.15 -1.05 -33.97
CA ASP A 567 14.52 -0.89 -34.42
C ASP A 567 14.57 -0.04 -35.69
N LYS A 568 13.78 1.02 -35.73
CA LYS A 568 13.73 1.91 -36.88
C LYS A 568 13.64 3.35 -36.39
N VAL A 569 14.07 4.28 -37.25
CA VAL A 569 14.04 5.71 -36.97
C VAL A 569 13.25 6.38 -38.08
N HIS A 570 12.25 7.16 -37.71
CA HIS A 570 11.40 7.87 -38.66
C HIS A 570 11.47 9.37 -38.41
N THR A 571 11.57 10.14 -39.49
CA THR A 571 11.62 11.59 -39.41
C THR A 571 10.20 12.15 -39.45
N VAL A 572 9.86 12.97 -38.46
CA VAL A 572 8.51 13.51 -38.31
C VAL A 572 8.59 15.03 -38.24
N VAL A 573 7.76 15.70 -39.03
CA VAL A 573 7.62 17.14 -39.00
C VAL A 573 6.21 17.47 -38.53
N ALA A 574 6.11 18.23 -37.44
CA ALA A 574 4.83 18.54 -36.82
C ALA A 574 4.64 20.04 -36.74
N SER A 575 3.41 20.50 -36.99
CA SER A 575 3.05 21.90 -36.90
C SER A 575 1.79 22.03 -36.05
N ASN A 576 1.69 23.17 -35.36
CA ASN A 576 0.55 23.45 -34.50
C ASN A 576 -0.24 24.62 -35.07
N ASN A 577 -1.56 24.45 -35.14
CA ASN A 577 -2.46 25.49 -35.65
C ASN A 577 -3.64 25.63 -34.69
N GLY A 578 -3.32 25.69 -33.40
CA GLY A 578 -4.36 25.76 -32.38
C GLY A 578 -4.60 24.42 -31.72
N SER A 579 -5.73 23.78 -32.05
CA SER A 579 -6.07 22.47 -31.53
C SER A 579 -5.98 21.38 -32.59
N VAL A 580 -5.36 21.67 -33.73
CA VAL A 580 -5.21 20.71 -34.82
C VAL A 580 -3.72 20.61 -35.16
N PHE A 581 -3.21 19.39 -35.25
CA PHE A 581 -1.81 19.14 -35.55
C PHE A 581 -1.67 18.62 -36.97
N SER A 582 -0.70 19.17 -37.70
CA SER A 582 -0.37 18.70 -39.05
C SER A 582 0.96 17.98 -38.98
N VAL A 583 0.94 16.67 -39.23
CA VAL A 583 2.11 15.80 -39.06
C VAL A 583 2.42 15.17 -40.41
N GLU A 584 3.68 15.27 -40.82
CA GLU A 584 4.17 14.65 -42.05
C GLU A 584 5.19 13.58 -41.67
N VAL A 585 4.84 12.32 -41.91
CA VAL A 585 5.68 11.19 -41.58
C VAL A 585 6.17 10.59 -42.89
N ASP A 586 7.41 10.89 -43.26
CA ASP A 586 8.06 10.34 -44.45
C ASP A 586 7.22 10.58 -45.70
N GLY A 587 6.70 11.80 -45.83
CA GLY A 587 5.91 12.16 -46.99
C GLY A 587 4.41 12.08 -46.75
N SER A 588 3.97 11.06 -46.03
CA SER A 588 2.55 10.92 -45.71
C SER A 588 2.10 12.05 -44.79
N LYS A 589 0.92 12.59 -45.08
CA LYS A 589 0.37 13.72 -44.33
C LYS A 589 -0.86 13.26 -43.57
N LEU A 590 -0.90 13.58 -42.28
CA LEU A 590 -2.02 13.23 -41.41
C LEU A 590 -2.36 14.42 -40.52
N ASN A 591 -3.61 14.44 -40.06
CA ASN A 591 -4.09 15.49 -39.17
C ASN A 591 -4.57 14.84 -37.87
N VAL A 592 -4.06 15.35 -36.75
CA VAL A 592 -4.41 14.85 -35.42
C VAL A 592 -5.05 16.00 -34.65
N THR A 593 -6.29 15.80 -34.22
CA THR A 593 -7.02 16.81 -33.46
C THR A 593 -7.72 16.16 -32.29
N SER A 594 -7.76 16.87 -31.16
CA SER A 594 -8.39 16.39 -29.93
C SER A 594 -8.44 17.56 -28.95
N THR A 595 -9.06 17.32 -27.80
CA THR A 595 -9.10 18.33 -26.76
C THR A 595 -7.77 18.49 -26.04
N TRP A 596 -6.89 17.48 -26.13
CA TRP A 596 -5.55 17.52 -25.57
C TRP A 596 -5.59 17.75 -24.05
N ASN A 597 -6.23 16.81 -23.36
CA ASN A 597 -6.23 16.78 -21.90
C ASN A 597 -5.07 15.90 -21.45
N LEU A 598 -4.06 16.49 -20.82
CA LEU A 598 -2.86 15.78 -20.43
C LEU A 598 -2.94 15.17 -19.04
N ALA A 599 -4.08 15.30 -18.36
CA ALA A 599 -4.25 14.75 -17.03
C ALA A 599 -5.16 13.54 -16.97
N SER A 600 -6.14 13.45 -17.86
CA SER A 600 -7.05 12.31 -17.86
C SER A 600 -6.31 11.04 -18.28
N PRO A 601 -6.58 9.92 -17.63
CA PRO A 601 -5.93 8.66 -18.04
C PRO A 601 -6.26 8.25 -19.47
N LEU A 602 -7.46 8.55 -19.95
CA LEU A 602 -7.89 8.18 -21.28
C LEU A 602 -7.92 9.43 -22.17
N LEU A 603 -7.30 9.33 -23.34
CA LEU A 603 -7.27 10.41 -24.31
C LEU A 603 -7.78 9.91 -25.66
N SER A 604 -8.77 10.59 -26.21
CA SER A 604 -9.34 10.23 -27.50
C SER A 604 -8.90 11.26 -28.54
N VAL A 605 -8.37 10.77 -29.66
CA VAL A 605 -7.87 11.62 -30.72
C VAL A 605 -8.57 11.25 -32.03
N SER A 606 -8.48 12.17 -32.99
CA SER A 606 -9.05 11.98 -34.32
C SER A 606 -7.93 12.09 -35.34
N VAL A 607 -7.59 10.96 -35.98
CA VAL A 607 -6.53 10.91 -36.97
C VAL A 607 -7.18 10.69 -38.33
N ASP A 608 -7.20 11.74 -39.15
CA ASP A 608 -7.79 11.69 -40.49
C ASP A 608 -9.23 11.20 -40.44
N GLY A 609 -9.98 11.70 -39.47
CA GLY A 609 -11.38 11.32 -39.28
C GLY A 609 -11.59 10.11 -38.41
N THR A 610 -10.68 9.13 -38.49
CA THR A 610 -10.79 7.93 -37.67
C THR A 610 -10.58 8.28 -36.20
N GLN A 611 -11.45 7.75 -35.35
CA GLN A 611 -11.39 8.00 -33.91
C GLN A 611 -10.59 6.89 -33.23
N ARG A 612 -9.60 7.29 -32.43
CA ARG A 612 -8.73 6.35 -31.74
C ARG A 612 -8.62 6.75 -30.27
N THR A 613 -8.39 5.75 -29.42
CA THR A 613 -8.20 5.96 -27.99
C THR A 613 -6.83 5.44 -27.59
N VAL A 614 -6.05 6.28 -26.90
CA VAL A 614 -4.70 5.94 -26.48
C VAL A 614 -4.54 6.29 -25.01
N GLN A 615 -3.58 5.63 -24.38
CA GLN A 615 -3.25 5.86 -22.98
C GLN A 615 -1.74 6.04 -22.86
N CYS A 616 -1.32 7.06 -22.12
CA CYS A 616 0.10 7.33 -21.87
C CYS A 616 0.45 6.76 -20.51
N LEU A 617 1.00 5.55 -20.50
CA LEU A 617 1.30 4.88 -19.23
C LEU A 617 2.49 5.52 -18.52
N SER A 618 3.55 5.83 -19.27
CA SER A 618 4.77 6.38 -18.69
C SER A 618 5.31 7.49 -19.57
N ARG A 619 6.00 8.43 -18.94
CA ARG A 619 6.63 9.54 -19.65
C ARG A 619 7.85 9.99 -18.87
N GLU A 620 8.96 10.20 -19.57
CA GLU A 620 10.20 10.64 -18.96
C GLU A 620 10.80 11.79 -19.75
N ALA A 621 11.60 12.60 -19.07
CA ALA A 621 12.23 13.75 -19.71
C ALA A 621 13.30 13.34 -20.72
N GLY A 622 13.76 12.10 -20.66
CA GLY A 622 14.76 11.62 -21.61
C GLY A 622 14.24 11.30 -22.98
N GLY A 623 12.93 11.38 -23.21
CA GLY A 623 12.33 11.08 -24.49
C GLY A 623 11.63 9.74 -24.56
N ASN A 624 11.83 8.87 -23.57
CA ASN A 624 11.14 7.58 -23.56
C ASN A 624 9.66 7.78 -23.26
N MET A 625 8.82 7.05 -23.99
CA MET A 625 7.38 7.11 -23.80
C MET A 625 6.77 5.74 -24.04
N SER A 626 5.87 5.34 -23.15
CA SER A 626 5.10 4.11 -23.29
C SER A 626 3.65 4.48 -23.53
N ILE A 627 3.12 4.07 -24.69
CA ILE A 627 1.76 4.40 -25.08
C ILE A 627 1.06 3.11 -25.49
N GLN A 628 -0.16 2.92 -24.97
CA GLN A 628 -0.97 1.75 -25.30
C GLN A 628 -1.86 2.10 -26.48
N PHE A 629 -1.54 1.53 -27.64
CA PHE A 629 -2.26 1.81 -28.88
C PHE A 629 -2.86 0.51 -29.39
N LEU A 630 -4.18 0.49 -29.58
CA LEU A 630 -4.90 -0.69 -30.03
C LEU A 630 -4.67 -1.89 -29.10
N GLY A 631 -4.56 -1.63 -27.81
CA GLY A 631 -4.38 -2.66 -26.80
C GLY A 631 -2.94 -2.99 -26.44
N THR A 632 -2.07 -3.10 -27.44
CA THR A 632 -0.68 -3.43 -27.20
C THR A 632 0.09 -2.20 -26.75
N VAL A 633 1.11 -2.42 -25.92
CA VAL A 633 1.95 -1.36 -25.39
C VAL A 633 3.17 -1.23 -26.28
N TYR A 634 3.34 -0.05 -26.89
CA TYR A 634 4.49 0.25 -27.74
C TYR A 634 5.39 1.26 -27.05
N LYS A 635 6.69 1.00 -27.10
CA LYS A 635 7.68 1.89 -26.50
C LYS A 635 8.38 2.68 -27.60
N VAL A 636 8.39 4.01 -27.45
CA VAL A 636 8.97 4.90 -28.43
C VAL A 636 9.96 5.84 -27.76
N ASN A 637 10.86 6.39 -28.57
CA ASN A 637 11.85 7.36 -28.11
C ASN A 637 11.79 8.56 -29.04
N ILE A 638 11.45 9.72 -28.48
CA ILE A 638 11.23 10.93 -29.27
C ILE A 638 12.28 11.96 -28.87
N LEU A 639 12.99 12.48 -29.87
CA LEU A 639 14.00 13.51 -29.64
C LEU A 639 13.94 14.52 -30.77
N THR A 640 14.47 15.71 -30.50
CA THR A 640 14.63 16.70 -31.56
C THR A 640 15.74 16.27 -32.51
N ARG A 641 15.77 16.90 -33.68
CA ARG A 641 16.78 16.54 -34.68
C ARG A 641 18.19 16.80 -34.16
N LEU A 642 18.40 17.94 -33.49
CA LEU A 642 19.70 18.24 -32.93
C LEU A 642 20.09 17.22 -31.87
N ALA A 643 19.16 16.86 -31.00
CA ALA A 643 19.45 15.87 -29.97
C ALA A 643 19.74 14.50 -30.58
N ALA A 644 18.98 14.12 -31.61
CA ALA A 644 19.23 12.84 -32.28
C ALA A 644 20.60 12.82 -32.93
N GLU A 645 20.99 13.93 -33.57
CA GLU A 645 22.30 14.00 -34.19
C GLU A 645 23.41 13.94 -33.14
N LEU A 646 23.24 14.63 -32.02
CA LEU A 646 24.26 14.64 -30.98
C LEU A 646 24.34 13.32 -30.23
N ASN A 647 23.26 12.53 -30.20
CA ASN A 647 23.27 11.28 -29.47
C ASN A 647 24.15 10.22 -30.12
N LYS A 648 24.61 10.43 -31.35
CA LYS A 648 25.47 9.45 -32.01
C LYS A 648 26.87 9.41 -31.42
N PHE A 649 27.26 10.41 -30.63
CA PHE A 649 28.59 10.46 -30.03
C PHE A 649 28.64 9.81 -28.65
N MET A 650 27.52 9.33 -28.13
CA MET A 650 27.47 8.73 -26.81
C MET A 650 27.85 7.25 -26.90
N LEU A 651 28.86 6.85 -26.12
CA LEU A 651 29.25 5.46 -26.09
C LEU A 651 28.16 4.60 -25.49
N GLU A 652 27.96 3.41 -26.06
CA GLU A 652 26.95 2.49 -25.55
C GLU A 652 27.38 1.96 -24.19
N LYS A 653 26.51 2.14 -23.19
CA LYS A 653 26.81 1.68 -21.84
C LYS A 653 26.48 0.21 -21.70
N VAL A 654 27.44 -0.58 -21.24
CA VAL A 654 27.25 -2.01 -21.03
C VAL A 654 27.08 -2.26 -19.53
N THR A 655 26.10 -3.10 -19.19
CA THR A 655 25.72 -3.35 -17.81
C THR A 655 25.67 -4.85 -17.54
N GLU A 656 26.72 -5.57 -17.96
CA GLU A 656 26.74 -7.01 -17.76
C GLU A 656 26.72 -7.37 -16.27
N ASP A 657 27.49 -6.62 -15.45
CA ASP A 657 27.51 -6.79 -14.01
C ASP A 657 27.79 -8.23 -13.60
N THR A 658 27.48 -8.57 -12.35
CA THR A 658 27.54 -9.95 -11.89
C THR A 658 26.14 -10.49 -11.58
N SER A 659 25.40 -9.81 -10.71
CA SER A 659 24.02 -10.17 -10.38
C SER A 659 23.89 -11.63 -9.98
N SER A 660 24.91 -12.17 -9.33
CA SER A 660 24.94 -13.55 -8.90
C SER A 660 24.86 -13.70 -7.38
N VAL A 661 25.76 -13.04 -6.66
CA VAL A 661 25.72 -13.06 -5.19
C VAL A 661 24.71 -12.02 -4.72
N LEU A 662 23.76 -12.44 -3.91
CA LEU A 662 22.71 -11.57 -3.39
C LEU A 662 23.06 -11.24 -1.94
N ARG A 663 23.85 -10.18 -1.77
CA ARG A 663 24.25 -9.75 -0.44
C ARG A 663 23.03 -9.30 0.35
N SER A 664 23.07 -9.54 1.66
CA SER A 664 21.93 -9.20 2.50
C SER A 664 21.73 -7.68 2.51
N PRO A 665 20.53 -7.20 2.18
CA PRO A 665 20.32 -5.74 2.17
C PRO A 665 20.51 -5.08 3.52
N MET A 666 20.17 -5.76 4.61
CA MET A 666 20.27 -5.20 5.95
C MET A 666 20.73 -6.29 6.89
N PRO A 667 21.33 -5.92 8.03
CA PRO A 667 21.82 -6.93 8.99
C PRO A 667 20.72 -7.75 9.67
N GLY A 668 19.46 -7.57 9.27
CA GLY A 668 18.39 -8.28 9.93
C GLY A 668 18.49 -9.79 9.76
N VAL A 669 17.95 -10.51 10.74
CA VAL A 669 17.98 -11.97 10.73
C VAL A 669 16.86 -12.50 9.85
N VAL A 670 17.17 -13.54 9.07
CA VAL A 670 16.18 -14.19 8.20
C VAL A 670 15.34 -15.10 9.10
N VAL A 671 14.11 -14.69 9.39
CA VAL A 671 13.26 -15.47 10.29
C VAL A 671 12.88 -16.81 9.66
N ALA A 672 12.55 -16.80 8.37
CA ALA A 672 12.12 -18.03 7.70
C ALA A 672 12.39 -17.90 6.22
N VAL A 673 12.47 -19.06 5.55
CA VAL A 673 12.66 -19.13 4.11
C VAL A 673 11.53 -19.99 3.55
N SER A 674 10.56 -19.35 2.89
CA SER A 674 9.42 -20.08 2.37
C SER A 674 9.82 -21.06 1.27
N VAL A 675 10.73 -20.65 0.39
CA VAL A 675 11.12 -21.47 -0.75
C VAL A 675 12.04 -22.59 -0.29
N LYS A 676 12.24 -23.58 -1.16
CA LYS A 676 13.06 -24.79 -1.11
C LYS A 676 14.33 -24.59 -1.91
N PRO A 677 15.46 -25.14 -1.46
CA PRO A 677 16.71 -24.99 -2.23
C PRO A 677 16.58 -25.57 -3.63
N GLY A 678 17.19 -24.87 -4.58
CA GLY A 678 17.16 -25.29 -5.98
C GLY A 678 15.81 -25.14 -6.63
N ASP A 679 15.35 -23.91 -6.81
CA ASP A 679 14.08 -23.62 -7.45
C ASP A 679 14.31 -22.79 -8.70
N ALA A 680 13.62 -23.15 -9.79
CA ALA A 680 13.72 -22.44 -11.06
C ALA A 680 12.48 -21.59 -11.34
N VAL A 681 11.70 -21.26 -10.31
CA VAL A 681 10.50 -20.46 -10.50
C VAL A 681 10.87 -19.08 -11.01
N ALA A 682 10.12 -18.60 -12.01
CA ALA A 682 10.41 -17.32 -12.62
C ALA A 682 9.85 -16.15 -11.80
N GLU A 683 8.54 -16.10 -11.66
CA GLU A 683 7.88 -15.02 -10.93
C GLU A 683 6.75 -15.61 -10.08
N GLY A 684 5.95 -14.74 -9.48
CA GLY A 684 4.81 -15.17 -8.70
C GLY A 684 5.13 -15.74 -7.34
N GLN A 685 6.35 -15.57 -6.83
CA GLN A 685 6.71 -16.09 -5.53
C GLN A 685 7.88 -15.30 -4.97
N GLU A 686 7.85 -15.06 -3.66
CA GLU A 686 8.93 -14.39 -2.96
C GLU A 686 10.00 -15.40 -2.56
N ILE A 687 10.98 -14.97 -1.77
CA ILE A 687 12.07 -15.85 -1.37
C ILE A 687 12.07 -16.08 0.13
N CYS A 688 12.21 -15.00 0.91
CA CYS A 688 12.33 -15.12 2.36
C CYS A 688 11.94 -13.80 3.00
N VAL A 689 11.74 -13.85 4.31
CA VAL A 689 11.36 -12.68 5.11
C VAL A 689 12.44 -12.46 6.17
N ILE A 690 12.84 -11.21 6.35
CA ILE A 690 13.93 -10.85 7.25
C ILE A 690 13.37 -9.98 8.36
N GLU A 691 13.68 -10.33 9.60
CA GLU A 691 13.26 -9.58 10.78
C GLU A 691 14.36 -8.60 11.19
N ALA A 692 13.97 -7.35 11.47
CA ALA A 692 14.91 -6.34 11.91
C ALA A 692 14.18 -5.13 12.50
N MET A 693 14.63 -4.70 13.69
CA MET A 693 14.09 -3.51 14.36
C MET A 693 12.57 -3.61 14.51
N LYS A 694 12.13 -4.72 15.11
CA LYS A 694 10.70 -5.02 15.33
C LYS A 694 9.90 -5.02 14.04
N MET A 695 10.59 -5.15 12.90
CA MET A 695 9.98 -5.04 11.57
C MET A 695 10.44 -6.23 10.73
N GLN A 696 9.55 -6.72 9.87
CA GLN A 696 9.89 -7.77 8.91
C GLN A 696 9.88 -7.17 7.51
N ASN A 697 11.01 -7.29 6.82
CA ASN A 697 11.16 -6.81 5.45
C ASN A 697 11.53 -7.97 4.54
N SER A 698 10.91 -8.01 3.36
CA SER A 698 11.07 -9.12 2.44
C SER A 698 11.78 -8.64 1.19
N MET A 699 12.80 -9.38 0.78
CA MET A 699 13.56 -9.09 -0.44
C MET A 699 12.92 -9.72 -1.67
N THR A 700 11.61 -9.50 -1.81
CA THR A 700 10.85 -10.05 -2.93
C THR A 700 11.44 -9.59 -4.25
N ALA A 701 11.55 -10.52 -5.20
CA ALA A 701 12.15 -10.25 -6.50
C ALA A 701 11.16 -10.61 -7.60
N GLY A 702 10.77 -9.63 -8.40
CA GLY A 702 9.96 -9.87 -9.57
C GLY A 702 10.73 -10.33 -10.80
N LYS A 703 12.05 -10.44 -10.69
CA LYS A 703 12.91 -10.87 -11.78
C LYS A 703 13.20 -12.35 -11.65
N THR A 704 13.32 -13.02 -12.80
CA THR A 704 13.56 -14.46 -12.84
C THR A 704 14.98 -14.74 -12.35
N GLY A 705 15.10 -15.24 -11.12
CA GLY A 705 16.38 -15.60 -10.57
C GLY A 705 16.53 -17.08 -10.30
N THR A 706 17.39 -17.75 -11.06
CA THR A 706 17.62 -19.17 -10.86
C THR A 706 18.39 -19.41 -9.56
N VAL A 707 17.91 -20.35 -8.75
CA VAL A 707 18.52 -20.67 -7.46
C VAL A 707 19.63 -21.68 -7.73
N LYS A 708 20.86 -21.20 -7.88
CA LYS A 708 22.00 -22.11 -7.98
C LYS A 708 22.23 -22.84 -6.67
N SER A 709 22.12 -22.12 -5.54
CA SER A 709 22.29 -22.71 -4.22
C SER A 709 21.75 -21.75 -3.19
N VAL A 710 21.21 -22.30 -2.11
CA VAL A 710 20.66 -21.52 -1.00
C VAL A 710 21.68 -21.50 0.13
N HIS A 711 22.07 -20.31 0.55
CA HIS A 711 23.03 -20.14 1.63
C HIS A 711 22.41 -19.68 2.95
N CYS A 712 21.22 -19.09 2.91
CA CYS A 712 20.52 -18.65 4.10
C CYS A 712 19.27 -19.50 4.32
N GLN A 713 19.13 -20.04 5.52
CA GLN A 713 18.02 -20.89 5.89
C GLN A 713 17.11 -20.18 6.87
N ALA A 714 16.10 -20.90 7.35
CA ALA A 714 15.20 -20.33 8.34
C ALA A 714 15.93 -20.12 9.67
N GLY A 715 15.68 -18.96 10.28
CA GLY A 715 16.36 -18.62 11.53
C GLY A 715 17.86 -18.48 11.38
N ASP A 716 18.31 -17.80 10.33
CA ASP A 716 19.72 -17.60 10.05
C ASP A 716 20.05 -16.12 10.20
N THR A 717 21.04 -15.81 11.04
CA THR A 717 21.47 -14.44 11.26
C THR A 717 22.52 -14.06 10.22
N VAL A 718 22.25 -13.00 9.46
CA VAL A 718 23.14 -12.53 8.41
C VAL A 718 23.28 -11.01 8.51
N GLY A 719 24.52 -10.53 8.44
CA GLY A 719 24.75 -9.10 8.38
C GLY A 719 24.61 -8.55 6.98
N GLU A 720 24.51 -7.23 6.88
CA GLU A 720 24.41 -6.58 5.58
C GLU A 720 25.68 -6.85 4.76
N GLY A 721 25.49 -7.23 3.51
CA GLY A 721 26.60 -7.60 2.66
C GLY A 721 26.93 -9.08 2.64
N ASP A 722 26.04 -9.93 3.13
CA ASP A 722 26.26 -11.37 3.18
C ASP A 722 25.38 -12.05 2.13
N LEU A 723 25.99 -12.92 1.32
CA LEU A 723 25.27 -13.63 0.28
C LEU A 723 24.13 -14.46 0.88
N LEU A 724 22.91 -14.21 0.40
CA LEU A 724 21.75 -14.92 0.90
C LEU A 724 21.41 -16.14 0.04
N VAL A 725 21.07 -15.91 -1.22
CA VAL A 725 20.72 -16.96 -2.17
C VAL A 725 21.28 -16.60 -3.52
N GLU A 726 21.93 -17.55 -4.19
CA GLU A 726 22.47 -17.32 -5.52
C GLU A 726 21.32 -17.16 -6.51
N LEU A 727 21.13 -15.93 -7.00
CA LEU A 727 20.04 -15.64 -7.92
C LEU A 727 20.55 -14.90 -9.15
N GLU A 728 19.64 -14.41 -9.98
CA GLU A 728 20.02 -13.64 -11.17
C GLU A 728 19.46 -12.23 -11.10
N ASP B 1 -5.87 18.83 -14.39
CA ASP B 1 -6.03 18.00 -13.20
C ASP B 1 -6.87 18.71 -12.16
N PRO B 2 -8.07 18.19 -11.89
CA PRO B 2 -8.93 18.79 -10.87
C PRO B 2 -8.28 18.76 -9.50
N SER B 3 -8.54 19.82 -8.72
CA SER B 3 -7.97 19.92 -7.39
C SER B 3 -8.75 19.13 -6.34
N ASP B 4 -9.96 18.68 -6.68
CA ASP B 4 -10.79 17.92 -5.75
C ASP B 4 -10.88 16.44 -6.13
N ARG B 5 -9.93 15.96 -6.94
CA ARG B 5 -9.92 14.54 -7.32
C ARG B 5 -9.77 13.66 -6.09
N LEU B 6 -10.62 12.64 -6.00
CA LEU B 6 -10.58 11.73 -4.87
C LEU B 6 -9.51 10.67 -5.06
N VAL B 7 -8.96 10.19 -3.95
CA VAL B 7 -7.93 9.15 -3.96
C VAL B 7 -8.35 8.01 -3.05
N PRO B 8 -9.29 7.17 -3.47
CA PRO B 8 -9.76 6.07 -2.61
C PRO B 8 -8.70 5.02 -2.33
N GLU B 9 -7.59 5.00 -3.09
CA GLU B 9 -6.58 3.96 -2.93
C GLU B 9 -5.86 4.05 -1.59
N LEU B 10 -5.85 5.22 -0.96
CA LEU B 10 -5.16 5.41 0.31
C LEU B 10 -5.96 4.94 1.51
N ASP B 11 -7.22 4.54 1.32
CA ASP B 11 -8.04 4.10 2.43
C ASP B 11 -7.58 2.79 3.05
N THR B 12 -6.71 2.04 2.37
CA THR B 12 -6.23 0.78 2.90
C THR B 12 -4.73 0.57 2.64
N ILE B 13 -4.00 1.60 2.23
CA ILE B 13 -2.58 1.44 1.96
C ILE B 13 -1.81 1.17 3.26
N VAL B 14 -2.27 1.72 4.38
CA VAL B 14 -1.63 1.51 5.67
C VAL B 14 -2.09 0.18 6.23
N PRO B 15 -1.18 -0.76 6.51
CA PRO B 15 -1.59 -2.05 7.09
C PRO B 15 -2.23 -1.87 8.46
N LEU B 16 -3.20 -2.72 8.76
CA LEU B 16 -3.90 -2.61 10.04
C LEU B 16 -2.99 -2.97 11.21
N GLU B 17 -2.11 -3.96 11.03
CA GLU B 17 -1.10 -4.22 12.05
C GLU B 17 0.05 -3.22 11.93
N SER B 18 0.70 -2.95 13.06
CA SER B 18 1.73 -1.93 13.13
C SER B 18 3.13 -2.45 12.86
N THR B 19 3.27 -3.72 12.50
CA THR B 19 4.57 -4.30 12.21
C THR B 19 4.90 -4.34 10.72
N LYS B 20 3.93 -4.12 9.84
CA LYS B 20 4.19 -4.19 8.42
C LYS B 20 4.67 -2.83 7.91
N ALA B 21 5.48 -2.87 6.85
CA ALA B 21 6.02 -1.67 6.23
C ALA B 21 5.32 -1.39 4.90
N TYR B 22 5.47 -0.17 4.42
CA TYR B 22 4.84 0.26 3.18
C TYR B 22 5.69 1.36 2.55
N ASN B 23 5.34 1.73 1.32
CA ASN B 23 6.08 2.70 0.54
C ASN B 23 5.33 4.03 0.55
N MET B 24 6.00 5.08 1.05
CA MET B 24 5.43 6.42 1.05
C MET B 24 5.47 7.06 -0.32
N VAL B 25 6.35 6.58 -1.21
CA VAL B 25 6.41 7.10 -2.57
C VAL B 25 5.10 6.87 -3.30
N ASP B 26 4.41 5.77 -3.00
CA ASP B 26 3.10 5.53 -3.59
C ASP B 26 2.11 6.60 -3.17
N ILE B 27 2.10 6.97 -1.89
CA ILE B 27 1.21 8.04 -1.41
C ILE B 27 1.58 9.36 -2.06
N ILE B 28 2.88 9.65 -2.17
CA ILE B 28 3.32 10.91 -2.77
C ILE B 28 2.86 10.97 -4.22
N HIS B 29 3.00 9.88 -4.96
CA HIS B 29 2.51 9.84 -6.34
C HIS B 29 1.00 10.01 -6.39
N SER B 30 0.29 9.42 -5.42
CA SER B 30 -1.17 9.52 -5.39
C SER B 30 -1.62 10.97 -5.20
N VAL B 31 -0.96 11.70 -4.30
CA VAL B 31 -1.47 13.01 -3.91
C VAL B 31 -1.16 14.08 -4.97
N VAL B 32 0.06 14.09 -5.48
CA VAL B 32 0.52 15.19 -6.33
C VAL B 32 -0.15 15.15 -7.70
N ASP B 33 -0.06 16.25 -8.43
CA ASP B 33 -0.71 16.35 -9.74
C ASP B 33 -0.01 15.45 -10.76
N GLU B 34 -0.81 14.74 -11.56
CA GLU B 34 -0.35 13.93 -12.67
C GLU B 34 0.66 12.87 -12.24
N ARG B 35 0.76 12.61 -10.94
CA ARG B 35 1.64 11.57 -10.40
C ARG B 35 3.09 11.77 -10.85
N GLU B 36 3.51 13.02 -10.95
CA GLU B 36 4.87 13.37 -11.33
C GLU B 36 5.63 13.86 -10.10
N PHE B 37 6.78 13.27 -9.83
CA PHE B 37 7.54 13.59 -8.63
C PHE B 37 9.02 13.54 -8.95
N PHE B 38 9.69 14.69 -8.85
CA PHE B 38 11.13 14.78 -9.07
C PHE B 38 11.84 14.56 -7.74
N GLU B 39 12.34 13.34 -7.53
CA GLU B 39 12.96 12.99 -6.27
C GLU B 39 14.39 13.48 -6.20
N ILE B 40 14.77 14.02 -5.04
CA ILE B 40 16.12 14.53 -4.80
C ILE B 40 16.84 13.54 -3.90
N MET B 41 18.05 13.14 -4.33
CA MET B 41 18.88 12.16 -3.62
C MET B 41 18.12 10.86 -3.38
N PRO B 42 17.73 10.14 -4.45
CA PRO B 42 16.94 8.92 -4.24
C PRO B 42 17.75 7.73 -3.75
N ASN B 43 19.07 7.76 -3.87
CA ASN B 43 19.91 6.62 -3.49
C ASN B 43 20.77 6.91 -2.26
N TYR B 44 20.53 8.02 -1.57
CA TYR B 44 21.28 8.38 -0.37
C TYR B 44 20.30 8.61 0.78
N ALA B 45 20.56 7.94 1.90
CA ALA B 45 19.70 8.02 3.08
C ALA B 45 18.23 7.76 2.72
N LYS B 46 17.97 6.53 2.29
CA LYS B 46 16.66 6.15 1.78
C LYS B 46 15.57 6.06 2.85
N ASN B 47 15.81 6.44 4.11
CA ASN B 47 14.76 6.45 5.12
C ASN B 47 14.02 7.77 5.18
N ILE B 48 14.32 8.70 4.27
CA ILE B 48 13.62 9.97 4.17
C ILE B 48 13.43 10.29 2.70
N ILE B 49 12.33 10.98 2.38
CA ILE B 49 11.96 11.30 1.01
C ILE B 49 11.85 12.82 0.88
N VAL B 50 12.56 13.37 -0.10
CA VAL B 50 12.49 14.80 -0.41
C VAL B 50 12.46 14.95 -1.94
N GLY B 51 11.73 15.96 -2.41
CA GLY B 51 11.64 16.19 -3.84
C GLY B 51 10.73 17.34 -4.15
N PHE B 52 10.56 17.58 -5.44
CA PHE B 52 9.74 18.67 -5.96
C PHE B 52 8.51 18.12 -6.66
N ALA B 53 7.38 18.78 -6.46
CA ALA B 53 6.12 18.37 -7.06
C ALA B 53 5.25 19.60 -7.27
N ARG B 54 4.08 19.39 -7.85
CA ARG B 54 3.15 20.46 -8.13
C ARG B 54 1.76 20.10 -7.60
N MET B 55 1.09 21.08 -7.01
CA MET B 55 -0.30 20.93 -6.57
C MET B 55 -1.10 22.10 -7.10
N ASN B 56 -2.07 21.81 -7.96
CA ASN B 56 -2.88 22.83 -8.61
C ASN B 56 -2.03 23.82 -9.39
N GLY B 57 -0.94 23.31 -9.98
CA GLY B 57 -0.06 24.12 -10.79
C GLY B 57 1.01 24.85 -10.03
N ARG B 58 1.02 24.79 -8.71
CA ARG B 58 1.97 25.52 -7.88
C ARG B 58 3.04 24.57 -7.35
N THR B 59 4.31 24.97 -7.48
CA THR B 59 5.40 24.16 -6.99
C THR B 59 5.35 24.05 -5.47
N VAL B 60 5.56 22.83 -4.97
CA VAL B 60 5.51 22.55 -3.54
C VAL B 60 6.73 21.73 -3.16
N GLY B 61 7.01 21.70 -1.86
CA GLY B 61 8.09 20.89 -1.31
C GLY B 61 7.50 19.72 -0.54
N ILE B 62 8.05 18.53 -0.77
CA ILE B 62 7.55 17.29 -0.19
C ILE B 62 8.62 16.70 0.71
N VAL B 63 8.27 16.47 1.97
CA VAL B 63 9.15 15.81 2.93
C VAL B 63 8.35 14.70 3.61
N GLY B 64 8.96 13.52 3.72
CA GLY B 64 8.26 12.40 4.33
C GLY B 64 9.25 11.33 4.74
N ASN B 65 8.72 10.37 5.50
CA ASN B 65 9.51 9.24 6.00
C ASN B 65 9.26 8.00 5.16
N GLN B 66 10.23 7.10 5.19
CA GLN B 66 10.16 5.84 4.44
C GLN B 66 10.23 4.67 5.41
N PRO B 67 9.08 4.11 5.82
CA PRO B 67 9.11 2.96 6.74
C PRO B 67 9.71 1.71 6.14
N LYS B 68 9.85 1.62 4.82
CA LYS B 68 10.45 0.43 4.21
C LYS B 68 11.93 0.30 4.54
N VAL B 69 12.61 1.41 4.80
CA VAL B 69 14.05 1.42 5.06
C VAL B 69 14.28 1.85 6.50
N ALA B 70 14.89 0.97 7.28
CA ALA B 70 15.28 1.25 8.67
C ALA B 70 14.08 1.67 9.53
N SER B 71 12.90 1.19 9.18
CA SER B 71 11.65 1.46 9.91
C SER B 71 11.33 2.95 9.98
N GLY B 72 11.95 3.76 9.11
CA GLY B 72 11.66 5.18 9.07
C GLY B 72 12.32 6.01 10.14
N CYS B 73 13.20 5.43 10.95
CA CYS B 73 13.86 6.18 12.01
C CYS B 73 14.83 7.21 11.44
N LEU B 74 14.90 8.36 12.10
CA LEU B 74 15.80 9.42 11.68
C LEU B 74 17.23 9.11 12.11
N ASP B 75 18.18 9.52 11.28
CA ASP B 75 19.59 9.29 11.56
C ASP B 75 20.36 10.54 11.15
N ILE B 76 21.68 10.43 11.11
CA ILE B 76 22.54 11.59 10.86
C ILE B 76 22.38 12.10 9.44
N ASN B 77 22.40 11.20 8.45
CA ASN B 77 22.40 11.62 7.06
C ASN B 77 21.05 12.21 6.67
N SER B 78 19.96 11.55 7.03
CA SER B 78 18.63 12.02 6.66
C SER B 78 18.32 13.37 7.28
N SER B 79 18.87 13.64 8.47
CA SER B 79 18.62 14.91 9.13
C SER B 79 19.11 16.08 8.27
N VAL B 80 20.37 16.03 7.84
CA VAL B 80 20.90 17.11 7.02
C VAL B 80 20.27 17.10 5.63
N LYS B 81 19.98 15.89 5.09
CA LYS B 81 19.37 15.81 3.77
C LYS B 81 18.03 16.52 3.75
N GLY B 82 17.21 16.32 4.78
CA GLY B 82 15.95 17.05 4.85
C GLY B 82 16.12 18.50 5.23
N ALA B 83 17.09 18.81 6.10
CA ALA B 83 17.25 20.17 6.59
C ALA B 83 17.67 21.12 5.48
N ARG B 84 18.64 20.72 4.66
CA ARG B 84 19.10 21.60 3.58
C ARG B 84 17.98 21.86 2.57
N PHE B 85 17.22 20.82 2.23
CA PHE B 85 16.10 20.99 1.32
C PHE B 85 15.03 21.91 1.90
N VAL B 86 14.74 21.75 3.19
CA VAL B 86 13.75 22.61 3.84
C VAL B 86 14.22 24.07 3.83
N ARG B 87 15.50 24.29 4.12
CA ARG B 87 16.04 25.65 4.10
C ARG B 87 15.98 26.25 2.71
N PHE B 88 16.32 25.46 1.68
CA PHE B 88 16.26 25.97 0.32
C PHE B 88 14.83 26.31 -0.09
N CYS B 89 13.87 25.45 0.25
CA CYS B 89 12.47 25.76 -0.02
C CYS B 89 12.02 27.01 0.74
N ASP B 90 12.54 27.21 1.95
CA ASP B 90 12.24 28.41 2.71
C ASP B 90 12.75 29.66 2.01
N ALA B 91 13.98 29.59 1.48
CA ALA B 91 14.62 30.78 0.92
C ALA B 91 13.90 31.35 -0.28
N PHE B 92 13.16 30.54 -1.03
CA PHE B 92 12.57 30.98 -2.29
C PHE B 92 11.05 30.88 -2.30
N ASN B 93 10.40 30.89 -1.13
CA ASN B 93 8.95 30.96 -0.99
C ASN B 93 8.26 29.80 -1.71
N ILE B 94 8.57 28.59 -1.27
CA ILE B 94 7.97 27.37 -1.79
C ILE B 94 7.25 26.68 -0.63
N PRO B 95 5.96 26.39 -0.74
CA PRO B 95 5.25 25.74 0.36
C PRO B 95 5.78 24.34 0.60
N LEU B 96 5.60 23.86 1.83
CA LEU B 96 6.08 22.56 2.26
C LEU B 96 4.90 21.67 2.65
N ILE B 97 4.97 20.41 2.24
CA ILE B 97 3.98 19.40 2.60
C ILE B 97 4.73 18.26 3.29
N THR B 98 4.20 17.82 4.43
CA THR B 98 4.90 16.89 5.30
C THR B 98 4.04 15.67 5.58
N PHE B 99 4.65 14.48 5.42
CA PHE B 99 4.04 13.21 5.80
C PHE B 99 4.88 12.62 6.92
N VAL B 100 4.25 12.32 8.05
CA VAL B 100 4.96 11.92 9.26
C VAL B 100 4.66 10.46 9.55
N ASP B 101 5.72 9.63 9.56
CA ASP B 101 5.63 8.25 10.05
C ASP B 101 7.01 7.94 10.63
N VAL B 102 7.15 8.15 11.94
CA VAL B 102 8.45 7.99 12.59
C VAL B 102 8.26 7.42 13.99
N PRO B 103 9.02 6.39 14.37
CA PRO B 103 8.99 5.90 15.75
C PRO B 103 10.05 6.50 16.66
N GLY B 104 10.92 7.35 16.14
CA GLY B 104 11.96 7.99 16.92
C GLY B 104 13.24 8.07 16.12
N PHE B 105 14.35 8.23 16.84
CA PHE B 105 15.67 8.29 16.22
C PHE B 105 16.32 6.92 16.23
N LEU B 106 17.17 6.69 15.24
CA LEU B 106 17.91 5.43 15.16
C LEU B 106 18.86 5.30 16.34
N PRO B 107 18.82 4.21 17.10
CA PRO B 107 19.72 4.04 18.23
C PRO B 107 20.97 3.23 17.91
N GLY B 108 21.86 3.16 18.91
CA GLY B 108 23.11 2.46 18.73
C GLY B 108 24.29 3.26 19.25
N THR B 109 25.50 2.75 19.04
CA THR B 109 26.70 3.46 19.47
C THR B 109 27.28 4.36 18.38
N ALA B 110 27.14 3.97 17.10
CA ALA B 110 27.71 4.77 16.02
C ALA B 110 27.00 6.11 15.91
N GLN B 111 25.67 6.12 15.99
CA GLN B 111 24.92 7.36 15.85
C GLN B 111 25.23 8.33 16.99
N GLU B 112 25.37 7.81 18.21
CA GLU B 112 25.68 8.68 19.34
C GLU B 112 27.11 9.19 19.29
N TYR B 113 28.06 8.31 18.91
CA TYR B 113 29.45 8.75 18.81
C TYR B 113 29.64 9.76 17.68
N GLY B 114 28.85 9.65 16.62
CA GLY B 114 28.96 10.55 15.49
C GLY B 114 28.25 11.88 15.61
N GLY B 115 27.54 12.13 16.69
CA GLY B 115 26.88 13.41 16.88
C GLY B 115 25.49 13.49 16.29
N ILE B 116 24.60 12.57 16.69
CA ILE B 116 23.23 12.60 16.21
C ILE B 116 22.49 13.83 16.72
N ILE B 117 22.88 14.33 17.90
CA ILE B 117 22.17 15.46 18.50
C ILE B 117 22.28 16.69 17.62
N ARG B 118 23.47 16.96 17.09
CA ARG B 118 23.67 18.16 16.28
C ARG B 118 22.81 18.13 15.03
N HIS B 119 22.72 16.99 14.34
CA HIS B 119 21.93 16.91 13.13
C HIS B 119 20.43 16.88 13.42
N GLY B 120 20.01 16.25 14.51
CA GLY B 120 18.63 16.36 14.92
C GLY B 120 18.24 17.80 15.21
N ALA B 121 19.11 18.55 15.89
CA ALA B 121 18.87 19.97 16.11
C ALA B 121 18.87 20.72 14.78
N LYS B 122 19.71 20.33 13.85
CA LYS B 122 19.70 20.94 12.51
C LYS B 122 18.32 20.83 11.88
N LEU B 123 17.77 19.61 11.84
CA LEU B 123 16.46 19.41 11.24
C LEU B 123 15.37 20.15 12.01
N LEU B 124 15.41 20.08 13.35
CA LEU B 124 14.40 20.75 14.15
C LEU B 124 14.43 22.26 13.91
N TYR B 125 15.63 22.84 13.86
CA TYR B 125 15.76 24.27 13.58
C TYR B 125 15.25 24.60 12.18
N ALA B 126 15.60 23.77 11.20
CA ALA B 126 15.16 24.04 9.82
C ALA B 126 13.65 24.04 9.73
N PHE B 127 12.98 23.17 10.48
CA PHE B 127 11.51 23.19 10.47
C PHE B 127 10.95 24.34 11.29
N ALA B 128 11.58 24.68 12.41
CA ALA B 128 11.05 25.72 13.30
C ALA B 128 11.20 27.11 12.70
N GLU B 129 12.27 27.35 11.94
CA GLU B 129 12.50 28.67 11.36
C GLU B 129 11.56 28.97 10.20
N ALA B 130 10.77 27.99 9.78
CA ALA B 130 9.98 28.14 8.56
C ALA B 130 8.97 29.27 8.66
N THR B 131 8.84 30.01 7.56
CA THR B 131 7.84 31.07 7.42
C THR B 131 6.82 30.79 6.33
N VAL B 132 7.19 30.01 5.31
CA VAL B 132 6.30 29.66 4.21
C VAL B 132 5.20 28.76 4.76
N PRO B 133 4.02 28.72 4.14
CA PRO B 133 2.95 27.84 4.65
C PRO B 133 3.36 26.38 4.64
N LYS B 134 2.95 25.65 5.68
CA LYS B 134 3.25 24.24 5.83
C LYS B 134 1.98 23.48 6.17
N VAL B 135 1.81 22.32 5.54
CA VAL B 135 0.72 21.41 5.85
C VAL B 135 1.34 20.06 6.18
N THR B 136 0.92 19.47 7.30
CA THR B 136 1.46 18.21 7.78
C THR B 136 0.34 17.20 7.94
N VAL B 137 0.59 15.98 7.46
CA VAL B 137 -0.35 14.87 7.58
C VAL B 137 0.36 13.73 8.28
N ILE B 138 -0.27 13.18 9.32
CA ILE B 138 0.27 12.07 10.08
C ILE B 138 -0.45 10.80 9.65
N THR B 139 0.31 9.80 9.21
CA THR B 139 -0.29 8.58 8.67
C THR B 139 -0.46 7.50 9.73
N ARG B 140 0.65 6.99 10.28
CA ARG B 140 0.58 5.94 11.29
C ARG B 140 1.21 6.34 12.61
N LYS B 141 2.46 6.81 12.60
CA LYS B 141 3.29 6.81 13.81
C LYS B 141 3.87 8.18 14.08
N ALA B 142 3.94 8.54 15.37
CA ALA B 142 4.63 9.75 15.81
C ALA B 142 4.99 9.55 17.28
N TYR B 143 6.27 9.25 17.54
CA TYR B 143 6.74 8.98 18.89
C TYR B 143 7.86 9.94 19.29
N GLY B 144 7.87 10.27 20.58
CA GLY B 144 8.97 11.00 21.18
C GLY B 144 9.12 12.42 20.64
N GLY B 145 10.34 12.94 20.74
CA GLY B 145 10.65 14.26 20.24
C GLY B 145 10.68 14.35 18.72
N ALA B 146 10.71 13.21 18.02
CA ALA B 146 10.63 13.23 16.58
C ALA B 146 9.34 13.87 16.10
N TYR B 147 8.26 13.71 16.86
CA TYR B 147 7.00 14.37 16.51
C TYR B 147 7.14 15.88 16.53
N ASP B 148 7.85 16.42 17.52
CA ASP B 148 8.10 17.85 17.56
C ASP B 148 9.04 18.29 16.46
N VAL B 149 10.08 17.48 16.18
CA VAL B 149 11.06 17.81 15.16
C VAL B 149 10.44 17.82 13.76
N MET B 150 9.32 17.12 13.59
CA MET B 150 8.73 16.89 12.27
C MET B 150 7.61 17.87 11.96
N SER B 151 7.79 19.14 12.35
CA SER B 151 6.84 20.21 12.08
C SER B 151 5.49 19.98 12.76
N SER B 152 5.54 19.92 14.09
CA SER B 152 4.33 19.84 14.89
C SER B 152 3.59 21.18 14.88
N LYS B 153 2.43 21.20 15.54
CA LYS B 153 1.61 22.40 15.57
C LYS B 153 2.28 23.54 16.34
N HIS B 154 3.08 23.21 17.35
CA HIS B 154 3.63 24.23 18.23
C HIS B 154 4.85 24.92 17.66
N LEU B 155 5.32 24.51 16.48
CA LEU B 155 6.40 25.18 15.78
C LEU B 155 5.87 26.18 14.75
N CYS B 156 4.79 26.88 15.08
CA CYS B 156 4.13 27.83 14.18
C CYS B 156 3.65 27.14 12.90
N GLY B 157 3.18 25.90 13.03
CA GLY B 157 2.56 25.24 11.91
C GLY B 157 1.20 25.81 11.57
N ASP B 158 0.77 25.57 10.33
CA ASP B 158 -0.49 26.14 9.86
C ASP B 158 -1.66 25.19 10.06
N THR B 159 -1.62 24.02 9.43
CA THR B 159 -2.68 23.03 9.53
C THR B 159 -2.05 21.65 9.71
N ASN B 160 -2.70 20.82 10.53
CA ASN B 160 -2.24 19.46 10.76
C ASN B 160 -3.43 18.52 10.71
N TYR B 161 -3.24 17.36 10.10
CA TYR B 161 -4.28 16.35 9.98
C TYR B 161 -3.72 14.99 10.35
N ALA B 162 -4.61 14.11 10.80
CA ALA B 162 -4.22 12.76 11.21
C ALA B 162 -5.18 11.76 10.61
N TRP B 163 -4.64 10.71 10.01
CA TRP B 163 -5.45 9.63 9.49
C TRP B 163 -6.01 8.80 10.65
N PRO B 164 -7.12 8.09 10.43
CA PRO B 164 -7.72 7.30 11.51
C PRO B 164 -6.80 6.22 12.05
N THR B 165 -5.81 5.77 11.27
CA THR B 165 -4.85 4.78 11.74
C THR B 165 -3.64 5.40 12.42
N ALA B 166 -3.57 6.72 12.49
CA ALA B 166 -2.46 7.39 13.17
C ALA B 166 -2.68 7.40 14.68
N GLU B 167 -1.63 7.76 15.40
CA GLU B 167 -1.70 7.91 16.86
C GLU B 167 -0.43 8.61 17.32
N ILE B 168 -0.58 9.49 18.32
CA ILE B 168 0.53 10.25 18.89
C ILE B 168 0.69 9.83 20.35
N ALA B 169 1.92 9.47 20.72
CA ALA B 169 2.21 9.05 22.08
C ALA B 169 3.63 9.46 22.43
N VAL B 170 3.91 9.50 23.74
CA VAL B 170 5.24 9.89 24.19
C VAL B 170 6.28 8.86 23.78
N MET B 171 6.01 7.59 24.02
CA MET B 171 6.92 6.51 23.66
C MET B 171 6.14 5.20 23.65
N GLY B 172 6.86 4.09 23.57
CA GLY B 172 6.21 2.81 23.32
C GLY B 172 5.26 2.41 24.44
N ALA B 173 4.21 1.68 24.05
CA ALA B 173 3.22 1.22 25.02
C ALA B 173 3.84 0.29 26.05
N LYS B 174 4.69 -0.64 25.60
CA LYS B 174 5.34 -1.58 26.52
C LYS B 174 6.22 -0.84 27.51
N GLY B 175 7.07 0.08 27.02
CA GLY B 175 7.93 0.83 27.90
C GLY B 175 7.16 1.71 28.86
N ALA B 176 6.11 2.38 28.37
CA ALA B 176 5.30 3.22 29.24
C ALA B 176 4.63 2.40 30.33
N VAL B 177 4.12 1.22 29.98
CA VAL B 177 3.48 0.37 30.99
C VAL B 177 4.50 -0.10 32.02
N GLU B 178 5.67 -0.54 31.58
CA GLU B 178 6.65 -1.06 32.53
C GLU B 178 7.31 0.04 33.35
N ILE B 179 7.23 1.29 32.91
CA ILE B 179 7.84 2.39 33.66
C ILE B 179 6.84 3.18 34.49
N ILE B 180 5.53 3.03 34.22
CA ILE B 180 4.51 3.70 35.03
C ILE B 180 4.06 2.78 36.16
N PHE B 181 3.54 1.61 35.79
CA PHE B 181 3.01 0.67 36.77
C PHE B 181 4.11 -0.31 37.22
N LYS B 182 5.15 0.27 37.81
CA LYS B 182 6.28 -0.53 38.30
C LYS B 182 5.92 -1.28 39.57
N GLY B 183 5.28 -0.59 40.53
CA GLY B 183 4.91 -1.24 41.77
C GLY B 183 3.84 -2.29 41.60
N HIS B 184 2.89 -2.04 40.70
CA HIS B 184 1.77 -2.96 40.52
C HIS B 184 2.21 -4.33 40.00
N GLU B 185 3.35 -4.41 39.32
CA GLU B 185 3.95 -5.63 38.78
C GLU B 185 2.93 -6.54 38.11
N ASN B 186 1.91 -5.94 37.48
CA ASN B 186 0.88 -6.71 36.76
C ASN B 186 0.59 -5.96 35.46
N VAL B 187 1.14 -6.46 34.35
CA VAL B 187 0.99 -5.83 33.05
C VAL B 187 0.03 -6.59 32.15
N GLU B 188 -0.70 -7.57 32.70
CA GLU B 188 -1.63 -8.34 31.88
C GLU B 188 -2.76 -7.47 31.34
N ALA B 189 -3.40 -6.71 32.22
CA ALA B 189 -4.51 -5.84 31.82
C ALA B 189 -4.07 -4.41 31.56
N ALA B 190 -3.15 -3.89 32.39
CA ALA B 190 -2.74 -2.49 32.30
C ALA B 190 -2.32 -2.13 30.88
N GLN B 191 -1.63 -3.04 30.19
CA GLN B 191 -1.30 -2.82 28.79
C GLN B 191 -2.56 -2.68 27.95
N ALA B 192 -3.57 -3.51 28.21
CA ALA B 192 -4.80 -3.46 27.43
C ALA B 192 -5.51 -2.12 27.60
N GLU B 193 -5.67 -1.66 28.85
CA GLU B 193 -6.31 -0.35 29.04
C GLU B 193 -5.45 0.78 28.47
N TYR B 194 -4.12 0.69 28.59
CA TYR B 194 -3.25 1.73 28.06
C TYR B 194 -3.38 1.84 26.55
N ILE B 195 -3.38 0.70 25.85
CA ILE B 195 -3.52 0.74 24.40
C ILE B 195 -4.95 1.05 24.00
N GLU B 196 -5.92 0.84 24.89
CA GLU B 196 -7.30 1.19 24.57
C GLU B 196 -7.54 2.69 24.67
N LYS B 197 -6.88 3.38 25.60
CA LYS B 197 -7.15 4.80 25.78
C LYS B 197 -6.11 5.72 25.16
N PHE B 198 -4.87 5.26 24.95
CA PHE B 198 -3.82 6.13 24.42
C PHE B 198 -3.30 5.75 23.05
N ALA B 199 -3.54 4.52 22.57
CA ALA B 199 -3.05 4.11 21.26
C ALA B 199 -4.05 4.49 20.17
N ASN B 200 -4.36 5.78 20.13
CA ASN B 200 -5.32 6.35 19.18
C ASN B 200 -5.09 7.85 19.11
N PRO B 201 -5.52 8.51 18.05
CA PRO B 201 -5.23 9.94 17.88
C PRO B 201 -6.12 10.87 18.68
N PHE B 202 -6.89 10.36 19.64
CA PHE B 202 -7.86 11.16 20.38
C PHE B 202 -7.23 12.06 21.44
N PRO B 203 -6.22 11.61 22.22
CA PRO B 203 -5.60 12.52 23.19
C PRO B 203 -5.00 13.77 22.55
N ALA B 204 -4.44 13.65 21.35
CA ALA B 204 -3.93 14.83 20.66
C ALA B 204 -5.05 15.66 20.05
N ALA B 205 -6.14 15.01 19.60
CA ALA B 205 -7.24 15.74 18.99
C ALA B 205 -8.01 16.57 20.01
N VAL B 206 -8.24 16.03 21.20
CA VAL B 206 -9.01 16.73 22.20
C VAL B 206 -8.28 17.95 22.75
N ARG B 207 -6.96 17.99 22.62
CA ARG B 207 -6.17 19.14 23.05
C ARG B 207 -5.99 20.18 21.96
N GLY B 208 -6.49 19.92 20.76
CA GLY B 208 -6.36 20.86 19.66
C GLY B 208 -5.01 20.85 18.98
N PHE B 209 -4.20 19.82 19.22
CA PHE B 209 -2.89 19.75 18.56
C PHE B 209 -3.01 19.39 17.09
N VAL B 210 -4.10 18.77 16.69
CA VAL B 210 -4.42 18.51 15.29
C VAL B 210 -5.81 19.05 15.01
N ASP B 211 -6.00 19.60 13.81
CA ASP B 211 -7.26 20.24 13.49
C ASP B 211 -8.41 19.24 13.47
N ASP B 212 -8.36 18.30 12.54
CA ASP B 212 -9.42 17.30 12.38
C ASP B 212 -8.80 15.96 12.03
N ILE B 213 -9.61 14.91 12.15
CA ILE B 213 -9.24 13.58 11.71
C ILE B 213 -10.00 13.31 10.41
N ILE B 214 -9.26 13.16 9.31
CA ILE B 214 -9.84 13.11 7.98
C ILE B 214 -9.61 11.73 7.38
N GLN B 215 -10.46 11.39 6.42
CA GLN B 215 -10.28 10.16 5.68
C GLN B 215 -9.10 10.30 4.72
N PRO B 216 -8.34 9.23 4.49
CA PRO B 216 -7.17 9.35 3.60
C PRO B 216 -7.52 9.73 2.17
N SER B 217 -8.77 9.53 1.75
CA SER B 217 -9.15 9.79 0.36
C SER B 217 -9.40 11.26 0.06
N SER B 218 -9.46 12.12 1.08
CA SER B 218 -9.68 13.55 0.88
C SER B 218 -8.42 14.37 1.14
N THR B 219 -7.26 13.71 1.24
CA THR B 219 -6.02 14.41 1.57
C THR B 219 -5.65 15.42 0.49
N ARG B 220 -5.79 15.04 -0.78
CA ARG B 220 -5.43 15.95 -1.86
C ARG B 220 -6.29 17.19 -1.85
N ALA B 221 -7.62 17.02 -1.69
CA ALA B 221 -8.52 18.16 -1.66
C ALA B 221 -8.23 19.06 -0.46
N ARG B 222 -8.00 18.45 0.71
CA ARG B 222 -7.73 19.25 1.90
C ARG B 222 -6.45 20.05 1.74
N ILE B 223 -5.39 19.42 1.24
CA ILE B 223 -4.12 20.11 1.07
C ILE B 223 -4.26 21.21 0.02
N CYS B 224 -5.00 20.95 -1.06
CA CYS B 224 -5.16 21.95 -2.11
C CYS B 224 -5.91 23.18 -1.58
N CYS B 225 -7.02 22.96 -0.87
CA CYS B 225 -7.77 24.10 -0.37
C CYS B 225 -6.98 24.86 0.69
N ASP B 226 -6.26 24.14 1.56
CA ASP B 226 -5.45 24.82 2.57
C ASP B 226 -4.33 25.65 1.93
N LEU B 227 -3.67 25.10 0.90
CA LEU B 227 -2.62 25.83 0.22
C LEU B 227 -3.17 27.05 -0.49
N ASP B 228 -4.36 26.92 -1.10
CA ASP B 228 -4.98 28.08 -1.74
C ASP B 228 -5.31 29.16 -0.72
N VAL B 229 -5.80 28.77 0.46
CA VAL B 229 -6.14 29.75 1.49
C VAL B 229 -4.89 30.42 2.02
N LEU B 230 -3.83 29.65 2.28
CA LEU B 230 -2.65 30.13 2.97
C LEU B 230 -1.64 30.80 2.03
N ALA B 231 -2.07 31.27 0.87
CA ALA B 231 -1.14 31.89 -0.07
C ALA B 231 -0.71 33.28 0.35
N SER B 232 -1.46 33.95 1.23
CA SER B 232 -1.18 35.32 1.63
C SER B 232 -0.54 35.43 3.01
N LYS B 233 0.14 34.38 3.46
CA LYS B 233 0.72 34.39 4.80
C LYS B 233 1.87 35.39 4.90
N LYS B 234 1.91 36.09 6.02
CA LYS B 234 3.02 37.01 6.33
C LYS B 234 3.23 37.02 7.83
N VAL B 235 4.45 36.70 8.26
CA VAL B 235 4.81 36.64 9.67
C VAL B 235 6.06 37.49 9.89
N GLN B 236 6.08 38.25 10.98
CA GLN B 236 7.17 39.13 11.31
C GLN B 236 8.01 38.54 12.44
N ARG B 237 9.31 38.77 12.38
CA ARG B 237 10.28 38.26 13.33
C ARG B 237 11.16 39.40 13.81
N PRO B 238 11.75 39.27 15.02
CA PRO B 238 12.66 40.32 15.50
C PRO B 238 13.87 40.46 14.60
N TRP B 239 14.40 41.67 14.52
CA TRP B 239 15.50 41.97 13.63
C TRP B 239 16.79 41.34 14.12
N ARG B 240 17.61 40.88 13.17
CA ARG B 240 18.93 40.30 13.46
C ARG B 240 19.69 40.20 12.15
N LYS B 241 21.02 40.30 12.25
CA LYS B 241 21.86 40.14 11.06
C LYS B 241 21.69 38.75 10.47
N HIS B 242 21.87 37.72 11.30
CA HIS B 242 21.58 36.35 10.94
C HIS B 242 21.52 35.54 12.23
N ALA B 243 20.90 34.38 12.15
CA ALA B 243 20.77 33.52 13.31
C ALA B 243 21.90 32.50 13.32
N ASN B 244 21.88 31.62 14.32
CA ASN B 244 22.98 30.68 14.57
C ASN B 244 22.49 29.27 14.24
N ILE B 245 22.70 28.86 12.99
CA ILE B 245 22.46 27.47 12.60
C ILE B 245 23.42 26.58 13.38
N PRO B 246 23.01 25.40 13.86
CA PRO B 246 23.91 24.58 14.68
C PRO B 246 24.97 23.80 13.91
N LEU B 247 25.24 24.18 12.66
CA LEU B 247 26.17 23.45 11.78
C LEU B 247 27.41 22.90 12.48
N ALA C 32 -10.07 35.75 61.97
CA ALA C 32 -8.85 34.96 61.85
C ALA C 32 -8.85 34.17 60.55
N THR C 33 -7.82 34.38 59.73
CA THR C 33 -7.67 33.70 58.45
C THR C 33 -6.37 32.91 58.42
N SER C 34 -6.43 31.70 57.87
CA SER C 34 -5.26 30.85 57.73
C SER C 34 -4.51 31.09 56.42
N VAL C 35 -4.70 32.26 55.80
CA VAL C 35 -4.03 32.57 54.54
C VAL C 35 -2.62 33.11 54.74
N ASN C 36 -2.17 33.22 55.98
CA ASN C 36 -0.79 33.64 56.27
C ASN C 36 0.13 32.48 56.59
N GLU C 37 -0.32 31.53 57.41
CA GLU C 37 0.49 30.33 57.66
C GLU C 37 0.59 29.47 56.42
N ARG C 38 -0.40 29.54 55.53
CA ARG C 38 -0.32 28.83 54.26
C ARG C 38 0.86 29.34 53.42
N ILE C 39 1.06 30.66 53.42
CA ILE C 39 2.19 31.23 52.69
C ILE C 39 3.50 30.72 53.24
N GLU C 40 3.64 30.68 54.58
CA GLU C 40 4.87 30.18 55.18
C GLU C 40 5.10 28.72 54.85
N ASN C 41 4.04 27.90 54.91
CA ASN C 41 4.18 26.49 54.59
C ASN C 41 4.58 26.29 53.13
N LYS C 42 3.95 27.03 52.21
CA LYS C 42 4.30 26.91 50.80
C LYS C 42 5.74 27.36 50.56
N ARG C 43 6.15 28.45 51.20
CA ARG C 43 7.52 28.94 51.05
C ARG C 43 8.53 27.92 51.55
N ARG C 44 8.28 27.33 52.72
CA ARG C 44 9.22 26.36 53.26
C ARG C 44 9.24 25.09 52.41
N THR C 45 8.09 24.69 51.86
CA THR C 45 8.07 23.54 50.97
C THR C 45 8.87 23.81 49.69
N ALA C 46 8.73 25.01 49.13
CA ALA C 46 9.49 25.37 47.94
C ALA C 46 10.99 25.42 48.23
N LEU C 47 11.36 26.01 49.37
CA LEU C 47 12.78 26.12 49.71
C LEU C 47 13.40 24.77 50.03
N LEU C 48 12.64 23.86 50.64
CA LEU C 48 13.17 22.56 51.02
C LEU C 48 13.02 21.50 49.93
N GLY C 49 12.52 21.88 48.75
CA GLY C 49 12.43 20.93 47.65
C GLY C 49 11.41 19.84 47.93
N GLY C 50 11.74 18.64 47.47
CA GLY C 50 10.86 17.49 47.56
C GLY C 50 11.11 16.55 48.72
N GLY C 51 11.92 16.93 49.68
CA GLY C 51 12.18 16.10 50.85
C GLY C 51 13.65 16.14 51.24
N GLN C 52 13.91 15.83 52.51
CA GLN C 52 15.28 15.85 53.02
C GLN C 52 16.06 14.61 52.57
N ARG C 53 15.40 13.47 52.45
CA ARG C 53 16.09 12.25 52.02
C ARG C 53 16.62 12.40 50.60
N ARG C 54 15.83 12.99 49.70
CA ARG C 54 16.29 13.21 48.33
C ARG C 54 17.45 14.20 48.30
N ILE C 55 17.41 15.22 49.15
CA ILE C 55 18.52 16.17 49.22
C ILE C 55 19.78 15.48 49.71
N ASP C 56 19.66 14.59 50.70
CA ASP C 56 20.81 13.85 51.19
C ASP C 56 21.37 12.93 50.11
N ALA C 57 20.49 12.29 49.34
CA ALA C 57 20.94 11.46 48.22
C ALA C 57 21.65 12.30 47.17
N GLN C 58 21.11 13.50 46.90
CA GLN C 58 21.74 14.41 45.94
C GLN C 58 23.14 14.80 46.39
N HIS C 59 23.30 15.11 47.68
CA HIS C 59 24.61 15.47 48.21
C HIS C 59 25.55 14.27 48.27
N LYS C 60 24.99 13.05 48.39
CA LYS C 60 25.82 11.85 48.46
C LYS C 60 26.62 11.65 47.18
N ARG C 61 26.02 11.98 46.04
CA ARG C 61 26.71 11.89 44.75
C ARG C 61 27.51 13.16 44.42
N GLY C 62 27.70 14.04 45.40
CA GLY C 62 28.48 15.24 45.18
C GLY C 62 27.87 16.26 44.25
N LYS C 63 26.54 16.39 44.26
CA LYS C 63 25.84 17.30 43.37
C LYS C 63 25.03 18.29 44.18
N LEU C 64 25.05 19.56 43.74
CA LEU C 64 24.48 20.66 44.49
C LEU C 64 22.97 20.75 44.22
N THR C 65 22.35 21.82 44.72
CA THR C 65 20.92 22.08 44.51
C THR C 65 20.76 23.37 43.72
N ALA C 66 19.58 23.54 43.13
CA ALA C 66 19.35 24.61 42.17
C ALA C 66 19.47 25.99 42.82
N ARG C 67 18.88 26.16 44.01
CA ARG C 67 18.86 27.47 44.63
C ARG C 67 20.27 27.95 45.00
N GLU C 68 21.08 27.07 45.57
CA GLU C 68 22.45 27.46 45.90
C GLU C 68 23.28 27.63 44.64
N ARG C 69 22.97 26.90 43.57
CA ARG C 69 23.61 27.16 42.28
C ARG C 69 23.34 28.58 41.82
N ILE C 70 22.07 29.01 41.88
CA ILE C 70 21.72 30.36 41.45
C ILE C 70 22.36 31.40 42.36
N SER C 71 22.43 31.11 43.66
CA SER C 71 23.08 32.03 44.58
C SER C 71 24.57 32.19 44.26
N LEU C 72 25.24 31.08 43.97
CA LEU C 72 26.65 31.16 43.59
C LEU C 72 26.84 31.90 42.28
N LEU C 73 25.96 31.67 41.31
CA LEU C 73 26.15 32.25 39.99
C LEU C 73 25.93 33.76 40.01
N LEU C 74 24.86 34.21 40.65
CA LEU C 74 24.49 35.62 40.62
C LEU C 74 25.17 36.40 41.74
N ASP C 75 25.18 37.72 41.58
CA ASP C 75 25.68 38.59 42.64
C ASP C 75 24.79 38.46 43.87
N PRO C 76 25.34 38.55 45.08
CA PRO C 76 24.52 38.33 46.28
C PRO C 76 23.60 39.52 46.54
N GLY C 77 22.34 39.22 46.82
CA GLY C 77 21.37 40.27 47.11
C GLY C 77 20.75 40.92 45.90
N SER C 78 20.79 40.28 44.74
CA SER C 78 20.26 40.87 43.51
C SER C 78 19.37 39.90 42.73
N PHE C 79 18.97 38.78 43.32
CA PHE C 79 18.14 37.78 42.65
C PHE C 79 16.68 37.99 43.03
N VAL C 80 15.82 38.11 42.01
CA VAL C 80 14.38 38.28 42.20
C VAL C 80 13.70 37.08 41.57
N GLU C 81 13.07 36.24 42.38
CA GLU C 81 12.41 35.04 41.91
C GLU C 81 10.97 35.33 41.49
N SER C 82 10.52 34.63 40.46
CA SER C 82 9.17 34.79 39.94
C SER C 82 8.53 33.40 39.74
N ASP C 83 7.20 33.39 39.79
CA ASP C 83 6.42 32.16 39.61
C ASP C 83 6.81 31.09 40.64
N MET C 84 6.79 31.49 41.91
CA MET C 84 7.17 30.59 42.99
C MET C 84 6.06 29.62 43.37
N PHE C 85 4.80 30.05 43.24
CA PHE C 85 3.66 29.27 43.72
C PHE C 85 3.00 28.43 42.63
N VAL C 86 3.65 28.28 41.48
CA VAL C 86 3.05 27.57 40.36
C VAL C 86 3.08 26.07 40.63
N GLU C 87 1.94 25.41 40.37
CA GLU C 87 1.80 23.98 40.57
C GLU C 87 1.24 23.34 39.31
N HIS C 88 1.55 22.06 39.11
CA HIS C 88 1.08 21.33 37.94
C HIS C 88 -0.40 21.00 38.08
N ARG C 89 -1.08 20.90 36.93
CA ARG C 89 -2.52 20.68 36.88
C ARG C 89 -2.89 19.27 36.45
N CYS C 90 -1.96 18.32 36.57
CA CYS C 90 -2.25 16.95 36.20
C CYS C 90 -3.33 16.34 37.08
N ALA C 91 -4.22 15.56 36.48
CA ALA C 91 -5.30 14.90 37.20
C ALA C 91 -5.46 13.46 36.72
N ASP C 92 -4.36 12.81 36.39
CA ASP C 92 -4.38 11.44 35.91
C ASP C 92 -3.24 10.66 36.55
N PHE C 93 -3.43 9.34 36.60
CA PHE C 93 -2.46 8.41 37.19
C PHE C 93 -2.17 8.71 38.65
N GLY C 94 -3.16 9.25 39.37
CA GLY C 94 -3.10 9.33 40.81
C GLY C 94 -2.40 10.55 41.39
N MET C 95 -1.99 11.51 40.57
CA MET C 95 -1.39 12.73 41.12
C MET C 95 -2.43 13.74 41.58
N ALA C 96 -3.70 13.36 41.61
CA ALA C 96 -4.72 14.23 42.22
C ALA C 96 -4.55 14.32 43.72
N ALA C 97 -3.81 13.39 44.33
CA ALA C 97 -3.55 13.41 45.76
C ALA C 97 -2.48 14.45 46.09
N ASP C 98 -2.34 14.74 47.38
CA ASP C 98 -1.38 15.74 47.83
C ASP C 98 0.06 15.26 47.77
N LYS C 99 0.29 13.94 47.92
CA LYS C 99 1.65 13.42 47.97
C LYS C 99 2.40 13.60 46.66
N ASN C 100 1.68 13.79 45.54
CA ASN C 100 2.30 14.04 44.25
C ASN C 100 2.14 15.49 43.81
N LYS C 101 2.12 16.41 44.76
CA LYS C 101 1.95 17.84 44.48
C LYS C 101 3.09 18.60 45.14
N PHE C 102 3.80 19.40 44.35
CA PHE C 102 4.92 20.20 44.84
C PHE C 102 4.88 21.58 44.20
N PRO C 103 4.89 22.64 44.99
CA PRO C 103 4.96 23.99 44.42
C PRO C 103 6.30 24.22 43.73
N GLY C 104 6.28 25.09 42.72
CA GLY C 104 7.45 25.38 41.91
C GLY C 104 7.63 24.46 40.72
N ASP C 105 7.32 23.18 40.90
CA ASP C 105 7.33 22.18 39.82
C ASP C 105 8.74 22.02 39.24
N SER C 106 9.71 21.81 40.15
CA SER C 106 11.07 21.39 39.78
C SER C 106 11.74 22.35 38.81
N VAL C 107 11.58 23.64 39.07
CA VAL C 107 12.26 24.67 38.28
C VAL C 107 12.26 25.96 39.08
N VAL C 108 13.39 26.66 39.05
CA VAL C 108 13.55 27.95 39.71
C VAL C 108 13.94 28.96 38.65
N THR C 109 13.15 30.04 38.54
CA THR C 109 13.35 31.05 37.53
C THR C 109 13.38 32.44 38.17
N GLY C 110 14.01 33.37 37.49
CA GLY C 110 14.09 34.73 37.99
C GLY C 110 15.06 35.55 37.16
N ARG C 111 15.42 36.71 37.71
CA ARG C 111 16.36 37.62 37.06
C ARG C 111 17.35 38.15 38.09
N GLY C 112 18.53 38.51 37.61
CA GLY C 112 19.57 39.01 38.48
C GLY C 112 20.61 39.78 37.70
N ARG C 113 21.71 40.10 38.38
CA ARG C 113 22.79 40.88 37.80
C ARG C 113 24.12 40.18 38.04
N ILE C 114 24.99 40.23 37.02
CA ILE C 114 26.35 39.71 37.11
C ILE C 114 27.28 40.85 36.77
N ASN C 115 28.06 41.31 37.76
CA ASN C 115 28.95 42.46 37.61
C ASN C 115 28.19 43.70 37.16
N GLY C 116 26.96 43.84 37.64
CA GLY C 116 26.15 45.00 37.36
C GLY C 116 25.27 44.92 36.13
N ARG C 117 25.41 43.88 35.33
CA ARG C 117 24.67 43.75 34.08
C ARG C 117 23.53 42.76 34.25
N LEU C 118 22.35 43.13 33.72
CA LEU C 118 21.16 42.31 33.89
C LEU C 118 21.29 40.99 33.14
N VAL C 119 20.63 39.97 33.67
CA VAL C 119 20.62 38.64 33.06
C VAL C 119 19.41 37.89 33.58
N TYR C 120 18.92 36.94 32.79
CA TYR C 120 17.83 36.05 33.19
C TYR C 120 18.37 34.63 33.27
N VAL C 121 17.94 33.89 34.29
CA VAL C 121 18.47 32.57 34.57
C VAL C 121 17.35 31.65 35.02
N PHE C 122 17.42 30.39 34.62
CA PHE C 122 16.51 29.35 35.09
C PHE C 122 17.31 28.11 35.44
N SER C 123 16.91 27.42 36.50
CA SER C 123 17.58 26.21 36.95
C SER C 123 16.55 25.13 37.22
N GLN C 124 16.97 23.88 37.04
CA GLN C 124 16.08 22.74 37.14
C GLN C 124 16.44 21.91 38.37
N ASP C 125 15.41 21.42 39.06
CA ASP C 125 15.59 20.67 40.29
C ASP C 125 15.33 19.19 40.02
N PHE C 126 16.36 18.37 40.20
CA PHE C 126 16.24 16.93 40.02
C PHE C 126 15.49 16.26 41.16
N THR C 127 15.24 16.97 42.26
CA THR C 127 14.59 16.37 43.41
C THR C 127 13.13 16.06 43.13
N VAL C 128 12.42 16.96 42.46
CA VAL C 128 10.98 16.84 42.26
C VAL C 128 10.75 16.13 40.93
N PHE C 129 10.27 14.88 40.99
CA PHE C 129 9.93 14.08 39.82
C PHE C 129 11.12 13.91 38.87
N GLY C 130 12.33 13.89 39.42
CA GLY C 130 13.51 13.74 38.59
C GLY C 130 13.75 14.89 37.63
N GLY C 131 13.18 16.06 37.92
CA GLY C 131 13.31 17.18 37.03
C GLY C 131 12.56 17.07 35.72
N SER C 132 11.61 16.14 35.64
CA SER C 132 10.85 15.95 34.41
C SER C 132 10.01 17.19 34.10
N LEU C 133 10.01 17.58 32.83
CA LEU C 133 9.34 18.81 32.43
C LEU C 133 7.86 18.56 32.21
N SER C 134 7.04 19.51 32.66
CA SER C 134 5.59 19.42 32.54
C SER C 134 5.08 20.77 32.06
N GLY C 135 3.76 20.97 32.12
CA GLY C 135 3.17 22.20 31.61
C GLY C 135 3.65 23.43 32.35
N ALA C 136 3.69 23.36 33.68
CA ALA C 136 4.12 24.50 34.47
C ALA C 136 5.59 24.82 34.24
N HIS C 137 6.43 23.79 34.16
CA HIS C 137 7.86 23.96 33.94
C HIS C 137 8.13 24.71 32.64
N ALA C 138 7.53 24.22 31.55
CA ALA C 138 7.69 24.86 30.25
C ALA C 138 7.07 26.25 30.24
N GLN C 139 5.93 26.42 30.93
CA GLN C 139 5.29 27.72 30.98
C GLN C 139 6.19 28.76 31.66
N LYS C 140 6.82 28.38 32.77
CA LYS C 140 7.74 29.29 33.45
C LYS C 140 8.94 29.62 32.58
N ILE C 141 9.52 28.60 31.92
CA ILE C 141 10.65 28.88 31.04
C ILE C 141 10.24 29.81 29.92
N CYS C 142 9.07 29.57 29.32
CA CYS C 142 8.63 30.38 28.20
C CYS C 142 8.36 31.82 28.63
N LYS C 143 7.76 32.02 29.80
CA LYS C 143 7.55 33.38 30.29
C LYS C 143 8.89 34.09 30.53
N ILE C 144 9.86 33.38 31.12
CA ILE C 144 11.16 33.98 31.37
C ILE C 144 11.85 34.36 30.06
N MET C 145 11.80 33.46 29.07
CA MET C 145 12.42 33.76 27.79
C MET C 145 11.71 34.90 27.07
N ASP C 146 10.39 34.98 27.18
CA ASP C 146 9.65 36.08 26.58
C ASP C 146 10.06 37.41 27.21
N GLN C 147 10.16 37.43 28.54
CA GLN C 147 10.61 38.65 29.21
C GLN C 147 12.02 39.02 28.79
N ALA C 148 12.91 38.03 28.67
CA ALA C 148 14.29 38.29 28.30
C ALA C 148 14.39 38.84 26.88
N ILE C 149 13.64 38.27 25.95
CA ILE C 149 13.72 38.75 24.56
C ILE C 149 13.05 40.11 24.44
N THR C 150 12.01 40.38 25.24
CA THR C 150 11.40 41.70 25.23
C THR C 150 12.36 42.76 25.76
N VAL C 151 12.96 42.50 26.92
CA VAL C 151 13.88 43.46 27.52
C VAL C 151 15.17 43.54 26.72
N GLY C 152 15.69 42.40 26.27
CA GLY C 152 16.95 42.37 25.56
C GLY C 152 18.12 42.01 26.46
N ALA C 153 17.98 40.94 27.22
CA ALA C 153 18.99 40.46 28.14
C ALA C 153 19.30 39.00 27.88
N PRO C 154 20.51 38.55 28.18
CA PRO C 154 20.87 37.15 27.90
C PRO C 154 20.11 36.17 28.78
N VAL C 155 20.22 34.90 28.39
CA VAL C 155 19.55 33.81 29.09
C VAL C 155 20.59 32.76 29.44
N ILE C 156 20.58 32.30 30.69
CA ILE C 156 21.50 31.27 31.17
C ILE C 156 20.67 30.13 31.73
N GLY C 157 20.96 28.91 31.29
CA GLY C 157 20.21 27.76 31.74
C GLY C 157 21.07 26.66 32.33
N LEU C 158 20.70 26.18 33.51
CA LEU C 158 21.37 25.06 34.16
C LEU C 158 20.46 23.85 34.00
N ASN C 159 20.85 22.92 33.12
CA ASN C 159 19.99 21.83 32.70
C ASN C 159 20.28 20.58 33.52
N ASP C 160 19.25 20.08 34.20
CA ASP C 160 19.34 18.79 34.88
C ASP C 160 17.91 18.23 34.94
N SER C 161 17.59 17.33 34.01
CA SER C 161 16.24 16.80 33.90
C SER C 161 16.30 15.37 33.40
N GLY C 162 15.38 14.54 33.91
CA GLY C 162 15.28 13.16 33.48
C GLY C 162 14.52 12.94 32.20
N GLY C 163 14.06 14.00 31.56
CA GLY C 163 13.33 13.87 30.32
C GLY C 163 11.91 14.41 30.40
N ALA C 164 11.05 13.98 29.48
CA ALA C 164 9.66 14.41 29.47
C ALA C 164 8.87 13.65 30.53
N ARG C 165 7.91 14.33 31.15
CA ARG C 165 7.05 13.69 32.13
C ARG C 165 6.14 12.68 31.42
N ILE C 166 6.32 11.41 31.75
CA ILE C 166 5.69 10.34 30.97
C ILE C 166 4.18 10.33 31.15
N GLN C 167 3.69 10.64 32.36
CA GLN C 167 2.26 10.53 32.60
C GLN C 167 1.47 11.71 32.05
N GLU C 168 2.12 12.84 31.77
CA GLU C 168 1.40 13.97 31.18
C GLU C 168 0.88 13.65 29.78
N GLY C 169 1.71 12.98 28.98
CA GLY C 169 1.32 12.68 27.61
C GLY C 169 1.81 13.75 26.66
N VAL C 170 0.91 14.23 25.81
CA VAL C 170 1.27 15.22 24.79
C VAL C 170 1.57 16.58 25.37
N GLU C 171 1.25 16.82 26.65
CA GLU C 171 1.55 18.12 27.25
C GLU C 171 3.05 18.38 27.32
N SER C 172 3.82 17.36 27.70
CA SER C 172 5.28 17.50 27.74
C SER C 172 5.84 17.74 26.34
N LEU C 173 5.29 17.06 25.34
CA LEU C 173 5.72 17.29 23.96
C LEU C 173 5.42 18.72 23.53
N ALA C 174 4.25 19.23 23.90
CA ALA C 174 3.90 20.61 23.58
C ALA C 174 4.85 21.59 24.26
N GLY C 175 5.19 21.33 25.53
CA GLY C 175 6.13 22.19 26.21
C GLY C 175 7.50 22.18 25.57
N TYR C 176 8.00 21.00 25.22
CA TYR C 176 9.26 20.90 24.50
C TYR C 176 9.23 21.66 23.19
N ALA C 177 8.14 21.51 22.42
CA ALA C 177 8.06 22.20 21.14
C ALA C 177 8.02 23.71 21.31
N ASP C 178 7.30 24.20 22.32
CA ASP C 178 7.26 25.64 22.57
C ASP C 178 8.64 26.16 22.98
N ILE C 179 9.35 25.41 23.83
CA ILE C 179 10.69 25.82 24.24
C ILE C 179 11.63 25.83 23.04
N PHE C 180 11.51 24.82 22.17
CA PHE C 180 12.33 24.80 20.95
C PHE C 180 12.02 26.01 20.07
N LEU C 181 10.74 26.35 19.92
CA LEU C 181 10.36 27.50 19.11
C LEU C 181 10.94 28.79 19.67
N ARG C 182 10.88 28.97 21.00
CA ARG C 182 11.45 30.18 21.59
C ARG C 182 12.96 30.20 21.51
N ASN C 183 13.61 29.04 21.61
CA ASN C 183 15.06 28.98 21.42
C ASN C 183 15.44 29.38 20.00
N VAL C 184 14.68 28.89 19.01
CA VAL C 184 14.98 29.21 17.62
C VAL C 184 14.73 30.68 17.33
N THR C 185 13.64 31.23 17.88
CA THR C 185 13.30 32.62 17.61
C THR C 185 14.36 33.57 18.15
N ALA C 186 14.87 33.30 19.35
CA ALA C 186 15.83 34.20 19.99
C ALA C 186 17.25 34.01 19.49
N SER C 187 17.50 33.05 18.60
CA SER C 187 18.85 32.83 18.09
C SER C 187 19.28 34.03 17.24
N GLY C 188 20.48 34.53 17.50
CA GLY C 188 21.00 35.68 16.80
C GLY C 188 20.56 37.01 17.35
N VAL C 189 19.71 37.02 18.38
CA VAL C 189 19.23 38.26 18.99
C VAL C 189 19.89 38.48 20.35
N ILE C 190 19.85 37.48 21.23
CA ILE C 190 20.47 37.56 22.54
C ILE C 190 21.29 36.30 22.76
N PRO C 191 22.38 36.36 23.53
CA PRO C 191 23.17 35.16 23.78
C PRO C 191 22.41 34.15 24.64
N GLN C 192 22.70 32.88 24.38
CA GLN C 192 22.11 31.78 25.13
C GLN C 192 23.20 30.82 25.55
N ILE C 193 23.23 30.45 26.83
CA ILE C 193 24.25 29.58 27.38
C ILE C 193 23.59 28.43 28.11
N SER C 194 24.11 27.23 27.92
CA SER C 194 23.62 26.03 28.60
C SER C 194 24.75 25.41 29.39
N LEU C 195 24.43 24.89 30.58
CA LEU C 195 25.42 24.32 31.48
C LEU C 195 24.82 23.07 32.12
N ILE C 196 25.10 21.91 31.52
CA ILE C 196 24.57 20.65 32.03
C ILE C 196 25.33 20.24 33.29
N MET C 197 24.60 19.90 34.34
CA MET C 197 25.19 19.42 35.58
C MET C 197 24.76 18.01 35.97
N GLY C 198 23.88 17.38 35.20
CA GLY C 198 23.39 16.06 35.55
C GLY C 198 22.97 15.25 34.34
N PRO C 199 22.30 14.13 34.58
CA PRO C 199 21.87 13.26 33.47
C PRO C 199 20.66 13.83 32.75
N CYS C 200 20.88 14.32 31.54
CA CYS C 200 19.84 14.86 30.69
C CYS C 200 19.60 13.90 29.53
N ALA C 201 18.37 13.42 29.40
CA ALA C 201 18.03 12.43 28.39
C ALA C 201 16.69 12.80 27.75
N GLY C 202 16.22 11.92 26.86
CA GLY C 202 14.96 12.16 26.19
C GLY C 202 15.05 13.30 25.19
N GLY C 203 13.93 14.00 25.03
CA GLY C 203 13.87 15.13 24.13
C GLY C 203 14.39 16.43 24.67
N ALA C 204 14.83 16.46 25.94
CA ALA C 204 15.38 17.66 26.53
C ALA C 204 16.78 17.98 26.05
N VAL C 205 17.42 17.07 25.29
CA VAL C 205 18.79 17.29 24.84
C VAL C 205 18.87 18.21 23.64
N TYR C 206 17.75 18.48 22.97
CA TYR C 206 17.78 19.34 21.79
C TYR C 206 17.74 20.81 22.14
N SER C 207 17.40 21.16 23.39
CA SER C 207 17.42 22.57 23.77
C SER C 207 18.84 23.10 23.97
N PRO C 208 19.74 22.41 24.70
CA PRO C 208 21.13 22.89 24.73
C PRO C 208 21.80 22.90 23.37
N ALA C 209 21.41 21.99 22.47
CA ALA C 209 22.02 21.95 21.14
C ALA C 209 21.64 23.14 20.28
N LEU C 210 20.51 23.78 20.55
CA LEU C 210 20.09 24.96 19.80
C LEU C 210 20.64 26.25 20.38
N THR C 211 21.33 26.19 21.52
CA THR C 211 21.93 27.38 22.13
C THR C 211 23.32 27.63 21.55
N ASP C 212 23.85 28.82 21.85
CA ASP C 212 25.12 29.23 21.28
C ASP C 212 26.28 28.39 21.81
N PHE C 213 26.35 28.22 23.13
CA PHE C 213 27.45 27.52 23.77
C PHE C 213 26.92 26.50 24.77
N THR C 214 27.64 25.39 24.89
CA THR C 214 27.29 24.30 25.79
C THR C 214 28.50 23.90 26.61
N PHE C 215 28.31 23.74 27.91
CA PHE C 215 29.37 23.29 28.81
C PHE C 215 28.84 22.14 29.66
N MET C 216 29.76 21.31 30.14
CA MET C 216 29.42 20.14 30.92
C MET C 216 30.29 20.06 32.17
N VAL C 217 29.98 19.11 33.03
CA VAL C 217 30.73 18.84 34.25
C VAL C 217 31.18 17.39 34.23
N LYS C 218 32.46 17.16 34.48
CA LYS C 218 33.02 15.82 34.39
C LYS C 218 32.47 14.92 35.50
N ASP C 219 32.28 13.65 35.16
CA ASP C 219 31.92 12.55 36.04
C ASP C 219 30.51 12.64 36.61
N THR C 220 29.78 13.73 36.34
CA THR C 220 28.43 13.89 36.85
C THR C 220 27.38 14.26 35.80
N SER C 221 27.79 14.74 34.63
CA SER C 221 26.87 15.19 33.60
C SER C 221 26.83 14.17 32.47
N TYR C 222 25.62 13.91 31.97
CA TYR C 222 25.41 12.95 30.90
C TYR C 222 24.47 13.54 29.87
N LEU C 223 24.63 13.11 28.61
CA LEU C 223 23.80 13.60 27.52
C LEU C 223 23.62 12.47 26.51
N PHE C 224 22.40 11.95 26.42
CA PHE C 224 22.10 10.91 25.44
C PHE C 224 20.61 10.93 25.13
N ILE C 225 20.27 10.33 23.98
CA ILE C 225 18.87 10.24 23.56
C ILE C 225 18.22 8.97 24.08
N THR C 226 18.94 7.86 24.06
CA THR C 226 18.41 6.56 24.49
C THR C 226 19.34 5.96 25.53
N GLY C 227 18.75 5.28 26.51
CA GLY C 227 19.51 4.66 27.57
C GLY C 227 20.26 3.42 27.10
N PRO C 228 21.25 3.00 27.89
CA PRO C 228 22.00 1.77 27.53
C PRO C 228 21.13 0.53 27.44
N ASP C 229 20.05 0.46 28.23
CA ASP C 229 19.18 -0.70 28.16
C ASP C 229 18.52 -0.83 26.79
N VAL C 230 18.10 0.30 26.20
CA VAL C 230 17.54 0.26 24.86
C VAL C 230 18.59 -0.19 23.84
N VAL C 231 19.84 0.25 24.03
CA VAL C 231 20.91 -0.18 23.16
C VAL C 231 21.10 -1.70 23.24
N LYS C 232 21.10 -2.24 24.46
CA LYS C 232 21.18 -3.68 24.63
C LYS C 232 20.01 -4.41 23.98
N SER C 233 18.80 -3.87 24.13
CA SER C 233 17.62 -4.50 23.56
C SER C 233 17.66 -4.49 22.03
N VAL C 234 18.18 -3.42 21.44
CA VAL C 234 18.09 -3.25 20.00
C VAL C 234 19.30 -3.84 19.29
N THR C 235 20.50 -3.30 19.55
CA THR C 235 21.67 -3.68 18.78
C THR C 235 22.48 -4.80 19.42
N ASN C 236 22.17 -5.18 20.65
CA ASN C 236 22.83 -6.28 21.36
C ASN C 236 24.34 -6.06 21.41
N GLU C 237 24.74 -4.97 22.05
CA GLU C 237 26.15 -4.63 22.20
C GLU C 237 26.32 -3.99 23.57
N ASP C 238 27.30 -4.46 24.34
CA ASP C 238 27.46 -4.05 25.73
C ASP C 238 28.09 -2.66 25.79
N VAL C 239 27.46 -1.77 26.55
CA VAL C 239 27.91 -0.39 26.67
C VAL C 239 27.41 0.14 28.00
N THR C 240 28.21 1.00 28.63
CA THR C 240 27.84 1.63 29.88
C THR C 240 27.44 3.07 29.65
N GLN C 241 26.89 3.69 30.71
CA GLN C 241 26.36 5.04 30.58
C GLN C 241 27.47 6.06 30.40
N GLU C 242 28.59 5.89 31.12
CA GLU C 242 29.65 6.90 31.08
C GLU C 242 30.26 7.00 29.69
N GLU C 243 30.56 5.86 29.07
CA GLU C 243 31.14 5.93 27.73
C GLU C 243 30.10 6.29 26.68
N LEU C 244 28.82 6.05 26.94
CA LEU C 244 27.78 6.40 25.99
C LEU C 244 27.53 7.92 25.96
N GLY C 245 27.48 8.54 27.13
CA GLY C 245 27.14 9.96 27.18
C GLY C 245 27.92 10.79 28.18
N GLY C 246 29.14 10.38 28.50
CA GLY C 246 29.94 11.11 29.47
C GLY C 246 30.47 12.42 28.93
N ALA C 247 31.04 13.21 29.84
CA ALA C 247 31.61 14.50 29.45
C ALA C 247 32.79 14.31 28.50
N LYS C 248 33.64 13.31 28.78
CA LYS C 248 34.79 13.07 27.91
C LYS C 248 34.36 12.70 26.49
N THR C 249 33.33 11.87 26.37
CA THR C 249 32.89 11.43 25.04
C THR C 249 32.41 12.61 24.20
N HIS C 250 31.64 13.51 24.80
CA HIS C 250 31.10 14.65 24.07
C HIS C 250 32.09 15.81 23.96
N THR C 251 33.19 15.80 24.73
CA THR C 251 34.14 16.88 24.69
C THR C 251 35.42 16.56 23.94
N THR C 252 35.70 15.30 23.63
CA THR C 252 36.97 14.96 22.97
C THR C 252 36.82 14.63 21.49
N MET C 253 35.85 13.81 21.09
CA MET C 253 35.74 13.44 19.69
C MET C 253 34.30 13.40 19.19
N SER C 254 33.40 14.13 19.84
CA SER C 254 32.00 14.20 19.42
C SER C 254 31.56 15.58 19.01
N GLY C 255 32.13 16.63 19.60
CA GLY C 255 31.86 17.99 19.14
C GLY C 255 30.51 18.55 19.54
N VAL C 256 29.88 18.00 20.58
CA VAL C 256 28.60 18.55 21.04
C VAL C 256 28.80 19.59 22.13
N ALA C 257 29.68 19.32 23.09
CA ALA C 257 30.00 20.26 24.16
C ALA C 257 31.27 21.04 23.81
N HIS C 258 31.40 22.21 24.42
CA HIS C 258 32.53 23.09 24.15
C HIS C 258 33.64 22.97 25.19
N ARG C 259 33.30 22.87 26.47
CA ARG C 259 34.29 22.76 27.53
C ARG C 259 33.74 21.87 28.64
N ALA C 260 34.65 21.41 29.50
CA ALA C 260 34.28 20.56 30.62
C ALA C 260 34.97 21.06 31.88
N PHE C 261 34.30 20.89 33.02
CA PHE C 261 34.81 21.29 34.31
C PHE C 261 34.65 20.15 35.30
N GLU C 262 35.57 20.09 36.27
CA GLU C 262 35.59 18.95 37.19
C GLU C 262 34.45 19.00 38.20
N ASN C 263 34.09 20.18 38.67
CA ASN C 263 33.04 20.32 39.68
C ASN C 263 32.16 21.51 39.30
N ASP C 264 31.27 21.90 40.22
CA ASP C 264 30.24 22.89 39.92
C ASP C 264 30.66 24.31 40.29
N VAL C 265 31.40 24.49 41.38
CA VAL C 265 31.78 25.84 41.80
C VAL C 265 32.75 26.46 40.79
N ASP C 266 33.76 25.69 40.39
CA ASP C 266 34.70 26.17 39.38
C ASP C 266 33.99 26.40 38.06
N ALA C 267 33.04 25.51 37.71
CA ALA C 267 32.26 25.69 36.50
C ALA C 267 31.48 27.00 36.53
N LEU C 268 30.87 27.32 37.67
CA LEU C 268 30.09 28.55 37.77
C LEU C 268 30.99 29.78 37.73
N CYS C 269 32.16 29.71 38.36
CA CYS C 269 33.11 30.83 38.30
C CYS C 269 33.56 31.07 36.86
N ASN C 270 33.90 29.99 36.15
CA ASN C 270 34.27 30.13 34.75
C ASN C 270 33.11 30.63 33.90
N LEU C 271 31.88 30.24 34.24
CA LEU C 271 30.73 30.75 33.50
C LEU C 271 30.57 32.25 33.70
N ARG C 272 30.76 32.73 34.93
CA ARG C 272 30.74 34.16 35.17
C ARG C 272 31.84 34.88 34.39
N ASP C 273 33.04 34.32 34.40
CA ASP C 273 34.16 34.91 33.67
C ASP C 273 33.85 34.98 32.17
N PHE C 274 33.28 33.90 31.62
CA PHE C 274 32.92 33.89 30.21
C PHE C 274 31.79 34.87 29.90
N PHE C 275 30.79 34.96 30.78
CA PHE C 275 29.70 35.90 30.58
C PHE C 275 30.20 37.35 30.64
N ASN C 276 31.31 37.58 31.33
CA ASN C 276 31.91 38.91 31.30
C ASN C 276 32.39 39.31 29.92
N TYR C 277 32.50 38.36 28.98
CA TYR C 277 32.95 38.68 27.63
C TYR C 277 31.79 39.13 26.74
N LEU C 278 30.66 38.42 26.80
CA LEU C 278 29.61 38.58 25.83
C LEU C 278 28.89 39.92 25.99
N PRO C 279 28.43 40.51 24.89
CA PRO C 279 27.54 41.67 24.99
C PRO C 279 26.13 41.25 25.37
N LEU C 280 25.34 42.23 25.82
CA LEU C 280 23.99 41.93 26.29
C LEU C 280 23.06 41.59 25.14
N SER C 281 23.23 42.20 23.97
CA SER C 281 22.34 41.96 22.85
C SER C 281 23.07 42.29 21.55
N SER C 282 22.49 41.84 20.44
CA SER C 282 23.07 42.09 19.13
C SER C 282 23.03 43.56 18.73
N GLN C 283 22.22 44.37 19.41
CA GLN C 283 22.14 45.79 19.10
C GLN C 283 23.24 46.61 19.76
N ASP C 284 24.03 46.02 20.65
CA ASP C 284 25.10 46.71 21.34
C ASP C 284 26.46 46.31 20.79
N PRO C 285 27.43 47.22 20.81
CA PRO C 285 28.78 46.87 20.34
C PRO C 285 29.47 45.96 21.34
N ALA C 286 30.64 45.48 20.93
CA ALA C 286 31.43 44.61 21.78
C ALA C 286 31.84 45.36 23.05
N PRO C 287 31.76 44.72 24.21
CA PRO C 287 32.09 45.43 25.46
C PRO C 287 33.54 45.90 25.47
N VAL C 288 33.75 47.07 26.09
CA VAL C 288 35.07 47.66 26.24
C VAL C 288 35.34 47.85 27.72
N ARG C 289 36.49 47.36 28.17
CA ARG C 289 36.86 47.39 29.57
C ARG C 289 38.19 48.12 29.72
N GLU C 290 38.44 48.64 30.93
CA GLU C 290 39.67 49.36 31.20
C GLU C 290 40.88 48.47 30.98
N CYS C 291 41.91 49.02 30.34
CA CYS C 291 43.11 48.28 29.99
C CYS C 291 44.34 48.96 30.59
N HIS C 292 45.39 48.17 30.76
CA HIS C 292 46.63 48.67 31.33
C HIS C 292 47.83 48.30 30.46
#